data_5HV2
#
_entry.id   5HV2
#
_cell.length_a   58.751
_cell.length_b   128.760
_cell.length_c   142.392
_cell.angle_alpha   90.00
_cell.angle_beta   90.00
_cell.angle_gamma   90.00
#
_symmetry.space_group_name_H-M   'P 2 21 21'
#
loop_
_entity.id
_entity.type
_entity.pdbx_description
1 polymer 'Phosphoenolpyruvate synthase'
2 water water
#
_entity_poly.entity_id   1
_entity_poly.type   'polypeptide(L)'
_entity_poly.pdbx_seq_one_letter_code
;MRGSHHHHHHGSMKPYVLKFQEIRPHSEALVGGKGMNLGACSNIEGVHVPAGFCLTTEAYKRTLAENNEFTQLLQRLSSL
KTSDMDAIREISETIRTLIQHTQIPSEIASYMDATLLDVGGYEMPFAVRSSATAEDLPHASFAGQHDTYLNIIGKDALLQ
HISMCWASLFTERAIIYRIQNQFDHRKVQLAVVIQQMISPEASGILFTADPITSNRKSLSIDASFGLGEALVSGLVSADS
YTVRENTITNKIIATKKLAIYSLKEGGTETRILEKSQQTKQTLTDQQIIQLAKLGRKIEAYFGKPQDIEWCLAEGAFYIV
QSRPITTLYPIPEVNEPGNRVYISVAHQQMMTDAMKPLGLSFYLMTTPATMYTAGGRLFVDITQSLSAKVSRDMMVNSLG
QSDPLIKDALLTVINKKGFLPPLPTEENPSHATVSGKPPVRSIPDSSSVFELVRNSENSIKHLKQSIETKSGSDLFDFIV
EDLEELKRVLFNPTSIDAIMAGMDASAWLNEHIYQWLGEKNVADKLSESAPNNITSQMYLELLDVADVIRPYPAVRAYLE
QTKNPDFMNELATLEGGAETKKALEDYLQKYGMRCAGEIDLTKTRWIENPLTLIPLILSNIKNFDSSASMHKFAQGEKEA
FHKEQEILRRLQELPDGEQKAMETKEKIDILRHFIGYREYPKYGMINRYFIYKLALLRAGEQLVKDGILQEHEDIYFLYF
EELREVVRTGQVDYELINARKRDFATFEKLTPPRILTSDGEMINGEYKRENLPKDAILGLPVSSGTVEGRARVILEMEKA
DLEDGDILVTAYTDPSWTPAFVSIKGLVTEVGGLMTHGAVIAREYGLPAVVGVENATTIIKDGQQIRINGTEGYIEILD
;
_entity_poly.pdbx_strand_id   A
#
# COMPACT_ATOMS: atom_id res chain seq x y z
N HIS A 5 -21.38 -43.81 16.40
CA HIS A 5 -21.95 -44.83 17.26
C HIS A 5 -23.32 -45.39 16.77
N HIS A 6 -24.52 -44.77 16.83
CA HIS A 6 -25.04 -43.38 16.97
C HIS A 6 -24.87 -42.46 15.76
N HIS A 7 -23.65 -42.24 15.31
CA HIS A 7 -23.43 -41.55 14.01
C HIS A 7 -23.06 -42.59 12.96
N HIS A 8 -23.38 -43.86 13.25
CA HIS A 8 -22.95 -45.06 12.51
C HIS A 8 -21.52 -44.90 11.99
N HIS A 9 -20.68 -44.27 12.82
CA HIS A 9 -19.28 -44.01 12.49
C HIS A 9 -19.10 -43.10 11.26
N HIS A 10 -20.07 -42.23 10.99
CA HIS A 10 -19.97 -41.33 9.84
C HIS A 10 -19.53 -39.88 10.15
N GLY A 11 -19.31 -39.58 11.41
CA GLY A 11 -18.91 -38.24 11.82
C GLY A 11 -17.58 -37.71 11.33
N SER A 12 -16.57 -38.58 11.32
CA SER A 12 -15.21 -38.24 10.90
C SER A 12 -15.00 -37.79 9.45
N MET A 13 -15.71 -38.41 8.53
CA MET A 13 -15.56 -38.13 7.09
C MET A 13 -15.85 -36.71 6.58
N LYS A 14 -14.99 -36.30 5.64
CA LYS A 14 -15.03 -35.03 4.94
C LYS A 14 -15.91 -35.09 3.67
N PRO A 15 -16.95 -34.24 3.63
CA PRO A 15 -18.00 -34.21 2.61
C PRO A 15 -17.55 -33.68 1.26
N TYR A 16 -18.05 -34.27 0.18
CA TYR A 16 -17.75 -33.82 -1.18
C TYR A 16 -18.68 -32.66 -1.55
N VAL A 17 -19.93 -32.76 -1.15
CA VAL A 17 -20.85 -31.68 -1.39
C VAL A 17 -21.21 -30.99 -0.08
N LEU A 18 -21.16 -29.67 -0.12
CA LEU A 18 -21.72 -28.84 0.93
C LEU A 18 -22.69 -27.87 0.27
N LYS A 19 -23.98 -27.96 0.58
CA LYS A 19 -24.89 -26.92 0.09
C LYS A 19 -24.54 -25.65 0.89
N PHE A 20 -24.89 -24.47 0.35
CA PHE A 20 -24.45 -23.17 0.90
C PHE A 20 -24.74 -23.00 2.37
N GLN A 21 -26.02 -22.96 2.67
CA GLN A 21 -26.51 -22.69 4.01
C GLN A 21 -26.00 -23.80 4.95
N GLU A 22 -25.67 -24.96 4.38
CA GLU A 22 -25.04 -26.05 5.11
C GLU A 22 -23.59 -25.74 5.44
N ILE A 23 -23.02 -24.72 4.78
CA ILE A 23 -21.64 -24.28 5.07
C ILE A 23 -21.56 -23.44 6.34
N ARG A 24 -20.69 -23.85 7.27
CA ARG A 24 -20.48 -23.12 8.51
C ARG A 24 -18.98 -22.87 8.71
N PRO A 25 -18.63 -21.72 9.32
CA PRO A 25 -17.22 -21.32 9.53
C PRO A 25 -16.27 -22.42 10.02
N HIS A 26 -14.98 -22.22 9.75
CA HIS A 26 -13.92 -23.16 10.09
C HIS A 26 -14.06 -24.43 9.30
N SER A 27 -14.27 -24.26 8.00
CA SER A 27 -14.32 -25.36 7.03
C SER A 27 -13.38 -25.08 5.85
N GLU A 28 -12.92 -23.84 5.78
CA GLU A 28 -12.42 -23.14 4.60
C GLU A 28 -11.34 -23.94 3.88
N ALA A 29 -10.89 -25.04 4.47
CA ALA A 29 -9.95 -25.89 3.80
C ALA A 29 -10.72 -26.92 2.97
N LEU A 30 -12.05 -26.81 3.03
CA LEU A 30 -12.93 -27.70 2.29
C LEU A 30 -13.57 -26.93 1.17
N VAL A 31 -14.40 -25.97 1.58
CA VAL A 31 -14.90 -24.92 0.70
C VAL A 31 -13.83 -23.86 0.64
N GLY A 32 -13.69 -23.18 -0.50
CA GLY A 32 -12.65 -22.17 -0.57
C GLY A 32 -13.03 -20.81 -0.03
N GLY A 33 -12.14 -19.86 -0.21
CA GLY A 33 -12.40 -18.48 0.14
C GLY A 33 -13.68 -17.94 -0.47
N LYS A 34 -13.82 -18.04 -1.80
CA LYS A 34 -15.00 -17.52 -2.50
C LYS A 34 -16.26 -18.10 -1.89
N GLY A 35 -16.26 -19.40 -1.67
CA GLY A 35 -17.38 -20.11 -1.07
C GLY A 35 -17.67 -19.79 0.38
N MET A 36 -16.68 -19.97 1.27
CA MET A 36 -16.82 -19.66 2.70
C MET A 36 -17.55 -18.35 2.98
N ASN A 37 -17.69 -17.54 1.94
CA ASN A 37 -18.00 -16.14 2.04
C ASN A 37 -19.13 -15.92 1.03
N LEU A 38 -19.26 -16.92 0.15
CA LEU A 38 -20.45 -17.09 -0.63
C LEU A 38 -21.50 -17.82 0.22
N GLY A 39 -21.01 -18.66 1.12
CA GLY A 39 -21.88 -19.38 2.02
C GLY A 39 -22.56 -18.37 2.92
N ALA A 40 -21.73 -17.68 3.68
CA ALA A 40 -22.14 -16.55 4.52
C ALA A 40 -23.23 -15.68 3.90
N CYS A 41 -23.22 -15.54 2.59
CA CYS A 41 -24.16 -14.65 1.91
C CYS A 41 -25.60 -15.15 1.94
N SER A 42 -25.78 -16.43 1.65
CA SER A 42 -27.11 -17.07 1.70
C SER A 42 -27.79 -16.78 3.04
N ASN A 43 -27.03 -17.01 4.10
CA ASN A 43 -27.44 -16.77 5.48
C ASN A 43 -28.18 -15.42 5.72
N ILE A 44 -27.73 -14.33 5.10
CA ILE A 44 -28.25 -12.99 5.41
C ILE A 44 -29.69 -12.73 4.98
N GLU A 45 -30.45 -12.07 5.85
CA GLU A 45 -31.88 -11.87 5.66
C GLU A 45 -32.22 -10.84 4.62
N GLY A 46 -33.18 -11.16 3.77
CA GLY A 46 -33.77 -10.16 2.90
C GLY A 46 -32.94 -9.88 1.65
N VAL A 47 -32.08 -10.85 1.32
CA VAL A 47 -31.20 -10.76 0.15
C VAL A 47 -31.13 -12.09 -0.57
N HIS A 48 -31.38 -12.09 -1.87
CA HIS A 48 -31.45 -13.33 -2.64
C HIS A 48 -30.09 -13.81 -3.16
N VAL A 49 -29.68 -14.99 -2.75
CA VAL A 49 -28.52 -15.69 -3.30
C VAL A 49 -28.97 -16.88 -4.15
N PRO A 50 -28.63 -16.89 -5.45
CA PRO A 50 -28.97 -18.06 -6.27
C PRO A 50 -28.56 -19.37 -5.60
N ALA A 51 -29.35 -20.41 -5.83
CA ALA A 51 -29.18 -21.65 -5.10
C ALA A 51 -28.08 -22.45 -5.71
N GLY A 52 -27.28 -23.09 -4.87
CA GLY A 52 -26.30 -24.01 -5.38
C GLY A 52 -25.51 -24.66 -4.29
N PHE A 53 -24.63 -25.55 -4.67
CA PHE A 53 -23.79 -26.20 -3.70
C PHE A 53 -22.34 -25.88 -3.96
N CYS A 54 -21.47 -26.65 -3.36
CA CYS A 54 -20.07 -26.39 -3.41
C CYS A 54 -19.33 -27.73 -3.44
N LEU A 55 -18.90 -28.15 -4.62
CA LEU A 55 -18.03 -29.33 -4.70
C LEU A 55 -16.79 -28.96 -3.91
N THR A 56 -16.41 -29.79 -2.95
CA THR A 56 -15.35 -29.42 -2.02
C THR A 56 -13.98 -29.92 -2.45
N THR A 57 -12.96 -29.56 -1.67
CA THR A 57 -11.59 -29.92 -2.03
C THR A 57 -11.37 -31.42 -1.94
N GLU A 58 -12.22 -32.09 -1.19
CA GLU A 58 -12.12 -33.54 -1.12
C GLU A 58 -12.25 -34.12 -2.51
N ALA A 59 -13.18 -33.58 -3.30
CA ALA A 59 -13.40 -34.04 -4.66
C ALA A 59 -12.12 -33.90 -5.44
N TYR A 60 -11.47 -32.76 -5.26
CA TYR A 60 -10.22 -32.50 -5.94
C TYR A 60 -9.12 -33.45 -5.46
N LYS A 61 -9.19 -33.90 -4.19
CA LYS A 61 -8.16 -34.79 -3.69
C LYS A 61 -8.32 -36.20 -4.28
N ARG A 62 -9.44 -36.86 -3.95
CA ARG A 62 -9.64 -38.28 -4.28
C ARG A 62 -9.66 -38.57 -5.78
N THR A 63 -9.73 -37.52 -6.59
CA THR A 63 -9.64 -37.69 -8.02
C THR A 63 -8.24 -37.34 -8.52
N LEU A 64 -7.59 -36.37 -7.88
CA LEU A 64 -6.30 -35.88 -8.38
C LEU A 64 -5.11 -35.98 -7.42
N ALA A 65 -5.35 -35.93 -6.11
CA ALA A 65 -4.24 -35.86 -5.17
C ALA A 65 -3.32 -37.08 -5.26
N GLU A 66 -3.85 -38.29 -4.97
CA GLU A 66 -3.03 -39.49 -4.98
C GLU A 66 -2.99 -40.20 -6.33
N ASN A 67 -3.44 -39.51 -7.37
CA ASN A 67 -3.10 -39.93 -8.72
C ASN A 67 -1.60 -39.80 -8.88
N ASN A 68 -0.91 -40.93 -8.97
CA ASN A 68 0.54 -40.93 -8.88
C ASN A 68 1.18 -40.25 -10.08
N GLU A 69 0.65 -40.51 -11.26
CA GLU A 69 1.15 -39.85 -12.45
C GLU A 69 1.02 -38.32 -12.35
N PHE A 70 -0.06 -37.89 -11.73
CA PHE A 70 -0.28 -36.47 -11.54
C PHE A 70 0.80 -35.97 -10.61
N THR A 71 0.96 -36.68 -9.51
CA THR A 71 1.91 -36.31 -8.47
C THR A 71 3.32 -36.25 -9.03
N GLN A 72 3.66 -37.22 -9.86
CA GLN A 72 4.96 -37.22 -10.49
C GLN A 72 5.09 -36.00 -11.38
N LEU A 73 4.05 -35.76 -12.16
CA LEU A 73 4.03 -34.62 -13.08
C LEU A 73 4.21 -33.31 -12.32
N LEU A 74 3.52 -33.16 -11.19
CA LEU A 74 3.70 -31.97 -10.34
C LEU A 74 5.13 -31.80 -9.88
N GLN A 75 5.75 -32.93 -9.50
CA GLN A 75 7.16 -32.96 -9.08
C GLN A 75 8.09 -32.49 -10.19
N ARG A 76 7.73 -32.72 -11.45
CA ARG A 76 8.58 -32.31 -12.56
C ARG A 76 8.25 -30.88 -12.98
N LEU A 77 7.37 -30.23 -12.22
CA LEU A 77 7.06 -28.83 -12.45
C LEU A 77 7.50 -28.09 -11.21
N SER A 78 6.85 -28.40 -10.10
CA SER A 78 7.05 -27.69 -8.83
C SER A 78 8.50 -27.53 -8.48
N SER A 79 9.23 -28.61 -8.64
CA SER A 79 10.53 -28.74 -8.03
C SER A 79 11.57 -27.84 -8.67
N LEU A 80 11.52 -27.80 -9.99
CA LEU A 80 12.57 -27.14 -10.77
C LEU A 80 12.53 -25.76 -11.35
N LYS A 81 11.47 -25.55 -12.09
CA LYS A 81 10.98 -24.30 -12.62
C LYS A 81 10.93 -23.09 -11.75
N THR A 82 11.46 -22.01 -12.32
CA THR A 82 11.48 -20.68 -11.74
C THR A 82 10.68 -19.74 -12.64
N SER A 83 10.00 -20.32 -13.64
CA SER A 83 9.20 -19.57 -14.61
C SER A 83 10.05 -19.02 -15.76
N ASP A 84 11.22 -19.60 -15.85
CA ASP A 84 12.26 -19.35 -16.81
C ASP A 84 11.94 -19.52 -18.27
N MET A 85 11.13 -20.52 -18.64
CA MET A 85 10.88 -20.79 -20.07
C MET A 85 9.56 -21.42 -20.62
N ASP A 86 9.68 -22.05 -21.80
CA ASP A 86 8.64 -22.76 -22.53
C ASP A 86 8.32 -24.05 -21.86
N ALA A 87 9.09 -24.40 -20.86
CA ALA A 87 8.88 -25.64 -20.18
C ALA A 87 7.54 -25.59 -19.54
N ILE A 88 7.21 -24.44 -18.98
CA ILE A 88 5.96 -24.27 -18.30
C ILE A 88 4.80 -24.48 -19.21
N ARG A 89 4.87 -23.90 -20.39
CA ARG A 89 3.79 -24.04 -21.30
C ARG A 89 3.60 -25.48 -21.66
N GLU A 90 4.69 -26.14 -21.95
CA GLU A 90 4.73 -27.52 -22.38
C GLU A 90 4.19 -28.52 -21.42
N ILE A 91 4.46 -28.33 -20.16
CA ILE A 91 4.06 -29.27 -19.12
C ILE A 91 2.70 -28.90 -18.53
N SER A 92 2.33 -27.63 -18.57
CA SER A 92 1.04 -27.19 -18.05
C SER A 92 -0.03 -27.67 -18.99
N GLU A 93 0.30 -27.65 -20.28
CA GLU A 93 -0.49 -28.33 -21.29
C GLU A 93 -0.71 -29.75 -20.82
N THR A 94 0.39 -30.47 -20.60
CA THR A 94 0.36 -31.88 -20.17
C THR A 94 -0.49 -32.08 -18.91
N ILE A 95 -0.22 -31.31 -17.85
CA ILE A 95 -1.00 -31.45 -16.63
C ILE A 95 -2.47 -31.23 -16.89
N ARG A 96 -2.75 -30.15 -17.63
CA ARG A 96 -4.12 -29.77 -17.93
C ARG A 96 -4.84 -30.91 -18.61
N THR A 97 -4.28 -31.32 -19.74
CA THR A 97 -4.83 -32.42 -20.53
C THR A 97 -5.20 -33.61 -19.69
N LEU A 98 -4.35 -33.91 -18.72
CA LEU A 98 -4.53 -35.04 -17.83
C LEU A 98 -5.74 -34.86 -16.94
N ILE A 99 -5.97 -33.64 -16.47
CA ILE A 99 -6.99 -33.39 -15.44
C ILE A 99 -8.38 -33.58 -16.00
N GLN A 100 -8.48 -33.37 -17.30
CA GLN A 100 -9.77 -33.44 -17.94
C GLN A 100 -10.08 -34.88 -18.29
N HIS A 101 -9.11 -35.58 -18.87
CA HIS A 101 -9.26 -36.99 -19.16
C HIS A 101 -9.50 -37.82 -17.89
N THR A 102 -8.94 -37.35 -16.76
CA THR A 102 -9.17 -38.01 -15.47
C THR A 102 -10.61 -37.84 -15.04
N GLN A 103 -11.34 -38.93 -15.20
CA GLN A 103 -12.79 -38.95 -15.06
C GLN A 103 -13.17 -38.77 -13.61
N ILE A 104 -14.13 -37.90 -13.36
CA ILE A 104 -14.72 -37.78 -12.03
C ILE A 104 -15.12 -39.17 -11.60
N PRO A 105 -14.75 -39.56 -10.38
CA PRO A 105 -15.12 -40.87 -9.85
C PRO A 105 -16.63 -41.01 -9.78
N SER A 106 -17.09 -42.25 -9.87
CA SER A 106 -18.51 -42.54 -9.89
C SER A 106 -19.19 -42.12 -8.60
N GLU A 107 -18.56 -42.40 -7.46
CA GLU A 107 -19.16 -42.15 -6.17
C GLU A 107 -19.60 -40.71 -6.09
N ILE A 108 -18.64 -39.80 -6.31
CA ILE A 108 -18.85 -38.36 -6.18
C ILE A 108 -19.99 -37.82 -7.07
N ALA A 109 -20.01 -38.23 -8.33
CA ALA A 109 -21.02 -37.76 -9.26
C ALA A 109 -22.45 -37.91 -8.73
N SER A 110 -22.70 -38.99 -7.99
CA SER A 110 -24.03 -39.26 -7.45
C SER A 110 -24.40 -38.28 -6.35
N TYR A 111 -23.45 -37.90 -5.51
CA TYR A 111 -23.74 -36.94 -4.45
C TYR A 111 -24.14 -35.62 -5.09
N MET A 112 -23.53 -35.36 -6.25
CA MET A 112 -23.85 -34.19 -7.08
C MET A 112 -25.27 -34.26 -7.62
N ASP A 113 -25.51 -35.31 -8.43
CA ASP A 113 -26.84 -35.64 -8.96
C ASP A 113 -27.96 -35.40 -7.95
N ALA A 114 -27.77 -35.93 -6.74
CA ALA A 114 -28.79 -35.88 -5.71
C ALA A 114 -29.08 -34.44 -5.35
N THR A 115 -28.02 -33.67 -5.18
CA THR A 115 -28.10 -32.31 -4.69
C THR A 115 -28.62 -31.32 -5.74
N LEU A 116 -28.35 -31.57 -7.01
CA LEU A 116 -28.96 -30.76 -8.07
C LEU A 116 -30.48 -30.87 -8.04
N LEU A 117 -31.02 -32.09 -7.90
CA LEU A 117 -32.45 -32.23 -7.60
C LEU A 117 -32.65 -31.56 -6.26
N ASP A 118 -33.74 -30.79 -6.14
CA ASP A 118 -34.12 -29.99 -4.95
C ASP A 118 -33.51 -28.57 -4.96
N VAL A 119 -32.91 -28.20 -6.09
CA VAL A 119 -32.38 -26.84 -6.28
C VAL A 119 -32.94 -25.96 -7.44
N GLY A 120 -33.31 -26.53 -8.60
CA GLY A 120 -33.15 -27.93 -8.91
C GLY A 120 -33.47 -28.38 -10.31
N GLY A 121 -33.21 -29.65 -10.57
CA GLY A 121 -33.37 -30.17 -11.90
C GLY A 121 -32.07 -30.01 -12.63
N TYR A 122 -32.13 -30.02 -13.95
CA TYR A 122 -30.92 -30.01 -14.73
C TYR A 122 -31.10 -29.14 -15.96
N GLU A 123 -32.35 -28.94 -16.35
CA GLU A 123 -32.64 -28.12 -17.50
C GLU A 123 -32.26 -26.67 -17.20
N MET A 124 -32.06 -26.37 -15.92
CA MET A 124 -31.50 -25.09 -15.49
C MET A 124 -30.00 -25.08 -15.70
N PRO A 125 -29.50 -24.01 -16.32
CA PRO A 125 -28.07 -23.88 -16.65
C PRO A 125 -27.29 -23.52 -15.39
N PHE A 126 -25.95 -23.58 -15.43
CA PHE A 126 -25.14 -23.30 -14.23
C PHE A 126 -23.96 -22.36 -14.45
N ALA A 127 -23.61 -21.65 -13.38
CA ALA A 127 -22.33 -20.96 -13.28
C ALA A 127 -21.34 -21.80 -12.46
N VAL A 128 -20.10 -21.88 -12.91
CA VAL A 128 -19.15 -22.75 -12.28
C VAL A 128 -17.99 -21.78 -12.17
N ARG A 129 -18.05 -20.87 -11.21
CA ARG A 129 -16.99 -20.18 -10.48
C ARG A 129 -16.11 -21.15 -9.66
N SER A 130 -14.82 -20.86 -9.53
CA SER A 130 -13.88 -21.78 -8.91
C SER A 130 -13.18 -21.22 -7.67
N SER A 131 -13.36 -21.89 -6.55
CA SER A 131 -12.92 -21.39 -5.24
C SER A 131 -11.62 -22.01 -4.74
N ALA A 132 -10.60 -21.19 -4.45
CA ALA A 132 -9.30 -21.72 -4.05
C ALA A 132 -9.01 -21.69 -2.56
N THR A 133 -8.18 -22.64 -2.12
CA THR A 133 -7.57 -22.60 -0.79
C THR A 133 -6.10 -23.03 -0.90
N ALA A 134 -5.26 -22.50 0.00
CA ALA A 134 -3.88 -22.96 0.11
C ALA A 134 -3.67 -23.60 1.48
N GLU A 135 -3.36 -24.90 1.47
CA GLU A 135 -3.24 -25.68 2.71
C GLU A 135 -2.35 -25.02 3.77
N ALA A 143 -8.71 -13.35 -6.58
CA ALA A 143 -7.55 -14.02 -6.03
C ALA A 143 -6.31 -13.58 -6.79
N GLY A 144 -5.48 -14.56 -7.14
CA GLY A 144 -4.44 -14.38 -8.14
C GLY A 144 -5.13 -14.56 -9.48
N GLN A 145 -5.57 -15.80 -9.73
CA GLN A 145 -6.44 -16.06 -10.87
C GLN A 145 -7.19 -17.36 -10.66
N HIS A 146 -8.44 -17.40 -11.13
CA HIS A 146 -9.19 -18.63 -11.34
C HIS A 146 -10.39 -18.54 -12.31
N ASP A 147 -10.59 -19.62 -13.08
CA ASP A 147 -11.63 -19.70 -14.11
C ASP A 147 -13.08 -19.61 -13.58
N THR A 148 -13.91 -18.95 -14.39
CA THR A 148 -15.34 -18.81 -14.15
C THR A 148 -16.08 -19.15 -15.44
N TYR A 149 -16.95 -20.15 -15.39
CA TYR A 149 -17.71 -20.55 -16.57
C TYR A 149 -19.21 -20.33 -16.37
N LEU A 150 -19.90 -20.03 -17.47
CA LEU A 150 -21.32 -19.67 -17.45
C LEU A 150 -22.14 -20.47 -18.44
N ASN A 151 -23.43 -20.60 -18.15
CA ASN A 151 -24.39 -21.21 -19.04
C ASN A 151 -24.04 -22.63 -19.51
N ILE A 152 -23.73 -23.50 -18.56
CA ILE A 152 -23.37 -24.86 -18.93
C ILE A 152 -24.58 -25.76 -18.73
N ILE A 153 -24.75 -26.72 -19.64
CA ILE A 153 -26.08 -27.32 -19.90
C ILE A 153 -26.55 -28.39 -18.89
N GLY A 154 -25.80 -29.47 -18.68
CA GLY A 154 -26.40 -30.64 -18.05
C GLY A 154 -25.32 -31.48 -17.41
N LYS A 155 -25.60 -32.74 -17.09
CA LYS A 155 -24.67 -33.50 -16.27
C LYS A 155 -23.29 -33.56 -16.85
N ASP A 156 -23.20 -33.89 -18.13
CA ASP A 156 -21.90 -34.08 -18.76
C ASP A 156 -21.13 -32.77 -18.84
N ALA A 157 -21.68 -31.77 -19.51
CA ALA A 157 -20.92 -30.56 -19.73
C ALA A 157 -20.64 -29.90 -18.37
N LEU A 158 -21.38 -30.30 -17.35
CA LEU A 158 -21.09 -29.91 -15.99
C LEU A 158 -19.97 -30.76 -15.41
N LEU A 159 -20.11 -32.07 -15.56
CA LEU A 159 -19.05 -33.02 -15.20
C LEU A 159 -17.75 -32.60 -15.86
N GLN A 160 -17.92 -32.12 -17.09
CA GLN A 160 -16.82 -31.67 -17.93
C GLN A 160 -16.20 -30.40 -17.38
N HIS A 161 -17.04 -29.55 -16.78
CA HIS A 161 -16.62 -28.20 -16.47
C HIS A 161 -16.07 -28.09 -15.06
N ILE A 162 -16.33 -29.13 -14.29
CA ILE A 162 -15.68 -29.21 -13.02
C ILE A 162 -14.21 -29.49 -13.30
N SER A 163 -13.93 -30.44 -14.19
CA SER A 163 -12.56 -30.75 -14.51
C SER A 163 -11.81 -29.54 -15.07
N MET A 164 -12.47 -28.76 -15.94
CA MET A 164 -11.86 -27.56 -16.56
C MET A 164 -11.54 -26.49 -15.52
N CYS A 165 -12.28 -26.55 -14.42
CA CYS A 165 -12.06 -25.68 -13.29
C CYS A 165 -10.82 -26.06 -12.54
N TRP A 166 -10.68 -27.34 -12.27
CA TRP A 166 -9.47 -27.87 -11.69
C TRP A 166 -8.26 -27.53 -12.54
N ALA A 167 -8.36 -27.79 -13.83
CA ALA A 167 -7.23 -27.52 -14.70
C ALA A 167 -6.87 -26.02 -14.69
N SER A 168 -7.82 -25.18 -14.27
CA SER A 168 -7.65 -23.73 -14.28
C SER A 168 -6.46 -23.34 -13.40
N LEU A 169 -6.10 -24.29 -12.55
CA LEU A 169 -5.09 -24.10 -11.52
C LEU A 169 -3.69 -24.33 -12.10
N PHE A 170 -3.62 -24.64 -13.39
CA PHE A 170 -2.38 -25.02 -14.06
C PHE A 170 -1.85 -24.09 -15.14
N THR A 171 -2.73 -23.21 -15.60
CA THR A 171 -2.47 -22.41 -16.79
C THR A 171 -1.17 -21.72 -16.45
N GLU A 172 -0.34 -21.39 -17.45
CA GLU A 172 1.00 -20.89 -17.10
C GLU A 172 0.90 -19.59 -16.32
N ARG A 173 -0.21 -18.88 -16.45
CA ARG A 173 -0.44 -17.69 -15.64
C ARG A 173 -0.40 -18.04 -14.16
N ALA A 174 -1.29 -18.93 -13.73
CA ALA A 174 -1.48 -19.28 -12.31
C ALA A 174 -0.32 -20.08 -11.66
N ILE A 175 0.33 -20.93 -12.44
CA ILE A 175 1.55 -21.60 -12.00
C ILE A 175 2.60 -20.58 -11.59
N ILE A 176 2.94 -19.73 -12.58
CA ILE A 176 3.87 -18.61 -12.44
C ILE A 176 3.57 -17.74 -11.22
N TYR A 177 2.28 -17.48 -10.98
CA TYR A 177 1.86 -16.75 -9.79
C TYR A 177 2.37 -17.47 -8.56
N ARG A 178 2.34 -18.80 -8.59
CA ARG A 178 2.77 -19.56 -7.44
C ARG A 178 4.30 -19.66 -7.33
N ILE A 179 5.00 -19.75 -8.46
CA ILE A 179 6.46 -19.76 -8.44
C ILE A 179 6.99 -18.39 -7.96
N GLN A 180 6.30 -17.34 -8.38
CA GLN A 180 6.65 -15.96 -8.06
C GLN A 180 6.65 -15.76 -6.55
N ASN A 181 5.52 -16.05 -5.92
CA ASN A 181 5.50 -16.12 -4.47
C ASN A 181 6.06 -17.50 -4.11
N GLN A 182 5.83 -17.96 -2.88
CA GLN A 182 6.54 -19.15 -2.44
C GLN A 182 5.72 -20.41 -2.65
N PHE A 183 4.50 -20.24 -3.14
CA PHE A 183 3.52 -21.33 -3.11
C PHE A 183 3.94 -22.62 -3.82
N ASP A 184 3.64 -23.73 -3.13
CA ASP A 184 3.88 -25.08 -3.59
C ASP A 184 2.67 -25.57 -4.39
N HIS A 185 2.91 -26.20 -5.54
CA HIS A 185 1.83 -26.67 -6.41
C HIS A 185 1.04 -27.86 -5.85
N ARG A 186 1.51 -28.41 -4.74
CA ARG A 186 0.84 -29.52 -4.12
C ARG A 186 0.06 -29.04 -2.91
N LYS A 187 0.40 -27.85 -2.45
CA LYS A 187 -0.27 -27.26 -1.29
C LYS A 187 -1.47 -26.44 -1.75
N VAL A 188 -1.85 -26.58 -3.03
CA VAL A 188 -2.98 -25.83 -3.52
C VAL A 188 -4.03 -26.76 -4.10
N GLN A 189 -5.28 -26.48 -3.76
CA GLN A 189 -6.42 -27.34 -4.05
C GLN A 189 -7.68 -26.53 -4.30
N LEU A 190 -8.26 -26.64 -5.48
CA LEU A 190 -9.48 -25.93 -5.80
C LEU A 190 -10.78 -26.58 -5.31
N ALA A 191 -11.69 -25.72 -4.88
CA ALA A 191 -13.08 -26.10 -4.68
C ALA A 191 -13.84 -25.57 -5.89
N VAL A 192 -14.95 -26.21 -6.22
CA VAL A 192 -15.76 -25.70 -7.31
C VAL A 192 -17.12 -25.30 -6.76
N VAL A 193 -17.54 -24.07 -7.04
CA VAL A 193 -18.88 -23.59 -6.69
C VAL A 193 -19.81 -23.80 -7.87
N ILE A 194 -20.94 -24.43 -7.59
CA ILE A 194 -21.98 -24.62 -8.58
C ILE A 194 -23.16 -23.75 -8.18
N GLN A 195 -23.67 -22.91 -9.07
CA GLN A 195 -24.83 -22.10 -8.74
C GLN A 195 -25.90 -22.17 -9.82
N GLN A 196 -27.09 -21.70 -9.49
CA GLN A 196 -28.14 -21.56 -10.50
C GLN A 196 -27.82 -20.34 -11.35
N MET A 197 -28.23 -20.39 -12.62
CA MET A 197 -28.00 -19.30 -13.55
C MET A 197 -29.18 -18.36 -13.56
N ILE A 198 -28.88 -17.07 -13.50
CA ILE A 198 -29.87 -16.02 -13.43
C ILE A 198 -29.79 -15.19 -14.70
N SER A 199 -30.52 -15.57 -15.74
CA SER A 199 -30.41 -14.86 -17.01
C SER A 199 -30.95 -13.44 -16.82
N PRO A 200 -30.05 -12.46 -16.76
CA PRO A 200 -30.45 -11.12 -16.32
C PRO A 200 -30.56 -10.16 -17.48
N GLU A 201 -31.23 -9.03 -17.28
CA GLU A 201 -31.21 -8.01 -18.32
C GLU A 201 -30.53 -6.76 -17.76
N ALA A 202 -30.07 -6.85 -16.51
CA ALA A 202 -29.08 -5.88 -16.02
C ALA A 202 -28.18 -6.46 -14.91
N SER A 203 -26.89 -6.16 -15.00
CA SER A 203 -25.92 -6.69 -14.04
C SER A 203 -24.70 -5.76 -13.89
N GLY A 204 -23.96 -5.95 -12.80
CA GLY A 204 -22.79 -5.13 -12.55
C GLY A 204 -22.10 -5.36 -11.22
N ILE A 205 -21.39 -4.31 -10.78
CA ILE A 205 -20.49 -4.34 -9.62
C ILE A 205 -20.86 -3.27 -8.64
N LEU A 206 -20.61 -3.51 -7.36
CA LEU A 206 -20.91 -2.50 -6.35
C LEU A 206 -19.78 -2.44 -5.35
N PHE A 207 -19.38 -1.22 -5.00
CA PHE A 207 -18.37 -0.99 -3.95
C PHE A 207 -19.00 -0.16 -2.86
N THR A 208 -18.98 -0.64 -1.63
CA THR A 208 -19.56 0.10 -0.51
C THR A 208 -18.82 1.38 -0.10
N ALA A 209 -17.70 1.65 -0.77
CA ALA A 209 -16.76 2.70 -0.43
C ALA A 209 -16.24 3.30 -1.74
N ASP A 210 -16.16 4.62 -1.84
CA ASP A 210 -15.90 5.23 -3.15
C ASP A 210 -14.62 4.66 -3.74
N PRO A 211 -14.71 4.06 -4.92
CA PRO A 211 -13.50 3.51 -5.54
C PRO A 211 -12.41 4.52 -5.89
N ILE A 212 -12.73 5.79 -6.01
CA ILE A 212 -11.67 6.75 -6.31
C ILE A 212 -11.06 7.28 -5.02
N THR A 213 -11.90 7.33 -3.99
CA THR A 213 -11.67 8.06 -2.75
C THR A 213 -11.34 7.19 -1.55
N SER A 214 -12.01 6.05 -1.47
CA SER A 214 -12.08 5.21 -0.28
C SER A 214 -12.92 5.87 0.81
N ASN A 215 -13.75 6.85 0.41
CA ASN A 215 -14.73 7.42 1.32
C ASN A 215 -15.77 6.35 1.66
N ARG A 216 -15.97 6.10 2.95
CA ARG A 216 -16.85 5.05 3.40
C ARG A 216 -18.33 5.40 3.27
N LYS A 217 -18.62 6.65 2.95
CA LYS A 217 -19.99 7.12 2.88
C LYS A 217 -20.40 7.41 1.43
N SER A 218 -19.65 6.87 0.50
CA SER A 218 -20.08 6.86 -0.89
C SER A 218 -20.19 5.38 -1.26
N LEU A 219 -21.15 5.04 -2.11
CA LEU A 219 -21.35 3.66 -2.52
C LEU A 219 -21.60 3.65 -3.99
N SER A 220 -20.64 3.16 -4.77
CA SER A 220 -20.75 3.28 -6.21
C SER A 220 -21.14 1.98 -6.88
N ILE A 221 -21.64 2.11 -8.10
CA ILE A 221 -22.30 1.03 -8.84
C ILE A 221 -22.04 1.13 -10.32
N ASP A 222 -21.50 0.07 -10.90
CA ASP A 222 -21.50 -0.07 -12.35
C ASP A 222 -22.64 -1.02 -12.74
N ALA A 223 -23.43 -0.63 -13.74
CA ALA A 223 -24.55 -1.43 -14.23
C ALA A 223 -24.62 -1.42 -15.75
N SER A 224 -24.67 -2.62 -16.33
CA SER A 224 -24.82 -2.76 -17.78
C SER A 224 -26.12 -3.47 -18.10
N PHE A 225 -26.52 -3.43 -19.36
CA PHE A 225 -27.63 -4.25 -19.81
C PHE A 225 -27.10 -5.64 -20.05
N GLY A 226 -27.86 -6.64 -19.65
CA GLY A 226 -27.38 -8.01 -19.74
C GLY A 226 -26.22 -8.24 -18.80
N LEU A 227 -25.17 -8.85 -19.33
CA LEU A 227 -24.00 -9.10 -18.52
C LEU A 227 -23.12 -7.86 -18.48
N GLY A 228 -22.73 -7.46 -17.27
CA GLY A 228 -21.89 -6.29 -17.03
C GLY A 228 -20.42 -6.53 -17.31
N GLU A 229 -19.53 -5.80 -16.66
CA GLU A 229 -18.11 -5.96 -17.02
C GLU A 229 -17.44 -7.14 -16.31
N ALA A 230 -17.73 -7.36 -15.02
CA ALA A 230 -17.09 -8.48 -14.29
C ALA A 230 -17.69 -9.85 -14.56
N LEU A 231 -18.84 -9.88 -15.23
CA LEU A 231 -19.52 -11.13 -15.46
C LEU A 231 -19.16 -11.75 -16.81
N VAL A 232 -18.68 -10.94 -17.77
CA VAL A 232 -18.58 -11.46 -19.13
C VAL A 232 -17.21 -11.54 -19.79
N SER A 233 -16.32 -10.59 -19.54
CA SER A 233 -15.06 -10.50 -20.30
C SER A 233 -15.13 -10.16 -21.80
N GLY A 234 -15.97 -9.20 -22.14
CA GLY A 234 -16.06 -8.70 -23.51
C GLY A 234 -16.29 -7.19 -23.50
N LEU A 235 -16.48 -6.59 -24.68
CA LEU A 235 -16.67 -5.16 -24.75
C LEU A 235 -18.08 -4.71 -24.40
N VAL A 236 -18.36 -4.55 -23.11
CA VAL A 236 -19.60 -3.95 -22.70
C VAL A 236 -19.44 -2.47 -22.34
N SER A 237 -20.56 -1.78 -22.11
CA SER A 237 -20.59 -0.41 -21.60
C SER A 237 -21.43 -0.37 -20.34
N ALA A 238 -21.05 0.47 -19.39
CA ALA A 238 -21.80 0.55 -18.16
C ALA A 238 -22.05 2.00 -17.76
N ASP A 239 -23.19 2.22 -17.09
CA ASP A 239 -23.39 3.44 -16.33
C ASP A 239 -22.59 3.28 -15.04
N SER A 240 -22.19 4.40 -14.43
CA SER A 240 -21.55 4.36 -13.13
C SER A 240 -22.28 5.34 -12.25
N TYR A 241 -22.80 4.86 -11.11
CA TYR A 241 -23.62 5.69 -10.21
C TYR A 241 -23.06 5.83 -8.80
N THR A 242 -23.06 7.05 -8.27
CA THR A 242 -22.55 7.25 -6.92
C THR A 242 -23.65 7.73 -5.97
N VAL A 243 -23.74 7.06 -4.82
CA VAL A 243 -24.80 7.28 -3.85
C VAL A 243 -24.19 7.60 -2.50
N ARG A 244 -24.54 8.75 -1.93
CA ARG A 244 -24.14 9.12 -0.57
C ARG A 244 -25.39 9.47 0.23
N GLU A 245 -25.37 9.15 1.53
CA GLU A 245 -26.42 9.53 2.48
C GLU A 245 -27.83 9.32 1.88
N ASN A 246 -28.02 8.16 1.24
CA ASN A 246 -29.33 7.76 0.72
C ASN A 246 -29.78 8.51 -0.55
N THR A 247 -28.85 9.18 -1.22
CA THR A 247 -29.24 10.02 -2.35
C THR A 247 -28.27 9.94 -3.54
N ILE A 248 -28.74 9.49 -4.69
CA ILE A 248 -27.93 9.52 -5.91
C ILE A 248 -27.23 10.87 -5.95
N THR A 249 -25.90 10.83 -6.05
CA THR A 249 -25.07 12.02 -5.98
C THR A 249 -24.46 12.32 -7.31
N ASN A 250 -24.08 11.26 -8.01
CA ASN A 250 -23.43 11.37 -9.30
C ASN A 250 -23.96 10.29 -10.24
N LYS A 251 -24.18 10.64 -11.51
CA LYS A 251 -24.70 9.71 -12.53
C LYS A 251 -23.88 9.81 -13.80
N ILE A 252 -22.90 8.94 -14.02
CA ILE A 252 -22.21 9.01 -15.30
C ILE A 252 -22.88 8.05 -16.29
N ILE A 253 -23.80 8.58 -17.09
CA ILE A 253 -24.53 7.70 -17.98
C ILE A 253 -23.74 7.50 -19.27
N ALA A 254 -23.67 6.23 -19.69
CA ALA A 254 -22.96 5.90 -20.91
C ALA A 254 -23.95 5.65 -22.03
N THR A 255 -23.56 5.98 -23.26
CA THR A 255 -24.38 5.66 -24.41
C THR A 255 -24.05 4.22 -24.81
N LYS A 256 -24.91 3.29 -24.41
CA LYS A 256 -24.65 1.89 -24.66
C LYS A 256 -25.25 1.46 -25.98
N LYS A 257 -24.38 1.15 -26.95
CA LYS A 257 -24.86 0.57 -28.20
C LYS A 257 -24.86 -0.96 -28.15
N LEU A 258 -24.04 -1.55 -27.27
CA LEU A 258 -23.99 -3.01 -27.16
C LEU A 258 -24.19 -3.57 -25.75
N ALA A 259 -24.74 -4.79 -25.75
CA ALA A 259 -24.78 -5.63 -24.57
C ALA A 259 -24.52 -7.08 -24.98
N ILE A 260 -24.35 -7.90 -23.98
CA ILE A 260 -24.00 -9.29 -24.15
C ILE A 260 -24.91 -10.11 -23.27
N TYR A 261 -25.60 -11.08 -23.86
CA TYR A 261 -26.51 -11.93 -23.11
C TYR A 261 -26.13 -13.37 -23.28
N SER A 262 -26.53 -14.19 -22.33
CA SER A 262 -26.46 -15.63 -22.52
C SER A 262 -27.22 -16.06 -23.78
N LEU A 263 -27.10 -17.32 -24.14
CA LEU A 263 -27.74 -17.83 -25.34
C LEU A 263 -28.54 -19.12 -25.10
N LYS A 264 -29.08 -19.63 -26.21
CA LYS A 264 -29.80 -20.91 -26.27
C LYS A 264 -28.90 -22.05 -25.81
N GLU A 265 -27.81 -22.23 -26.56
CA GLU A 265 -26.65 -22.99 -26.12
C GLU A 265 -25.66 -22.02 -25.45
N GLY A 266 -24.72 -22.56 -24.70
CA GLY A 266 -23.68 -21.77 -24.07
C GLY A 266 -22.46 -20.90 -23.76
N GLY A 267 -22.38 -19.76 -24.41
CA GLY A 267 -21.80 -18.71 -25.21
C GLY A 267 -22.72 -17.51 -25.11
N THR A 268 -22.39 -16.47 -25.86
CA THR A 268 -23.08 -15.20 -25.74
C THR A 268 -23.11 -14.48 -27.08
N GLU A 269 -24.15 -13.68 -27.30
CA GLU A 269 -24.22 -12.83 -28.48
C GLU A 269 -24.04 -11.39 -28.06
N THR A 270 -23.74 -10.57 -29.06
CA THR A 270 -23.63 -9.13 -28.88
C THR A 270 -24.85 -8.48 -29.52
N ARG A 271 -25.75 -8.01 -28.69
CA ARG A 271 -26.99 -7.47 -29.17
C ARG A 271 -26.86 -5.96 -29.38
N ILE A 272 -26.88 -5.51 -30.64
CA ILE A 272 -26.94 -4.07 -30.92
C ILE A 272 -28.22 -3.51 -30.33
N LEU A 273 -28.07 -2.64 -29.34
CA LEU A 273 -29.20 -1.98 -28.72
C LEU A 273 -29.77 -0.98 -29.72
N GLU A 274 -31.09 -0.87 -29.76
CA GLU A 274 -31.73 0.07 -30.66
C GLU A 274 -31.38 1.44 -30.13
N LYS A 275 -31.51 2.49 -30.93
CA LYS A 275 -31.28 3.84 -30.40
C LYS A 275 -32.31 4.13 -29.30
N SER A 276 -32.16 5.28 -28.64
CA SER A 276 -33.03 5.68 -27.52
C SER A 276 -32.74 4.93 -26.21
N GLN A 277 -32.67 3.58 -26.24
CA GLN A 277 -32.37 2.85 -25.00
C GLN A 277 -30.90 3.03 -24.65
N GLN A 278 -30.09 3.42 -25.65
CA GLN A 278 -28.66 3.67 -25.45
C GLN A 278 -28.36 4.74 -24.43
N THR A 279 -29.26 5.72 -24.30
CA THR A 279 -29.08 6.80 -23.34
C THR A 279 -30.17 6.71 -22.25
N LYS A 280 -30.79 5.54 -22.11
CA LYS A 280 -31.65 5.27 -20.94
C LYS A 280 -30.78 4.92 -19.73
N GLN A 281 -31.17 5.39 -18.57
CA GLN A 281 -30.55 4.94 -17.35
C GLN A 281 -30.73 3.43 -17.35
N THR A 282 -29.62 2.70 -17.25
CA THR A 282 -29.64 1.24 -17.13
C THR A 282 -30.58 0.85 -16.02
N LEU A 283 -30.45 1.55 -14.91
CA LEU A 283 -31.28 1.33 -13.74
C LEU A 283 -32.09 2.58 -13.43
N THR A 284 -33.20 2.40 -12.73
CA THR A 284 -34.01 3.55 -12.37
C THR A 284 -33.71 3.92 -10.92
N ASP A 285 -33.72 5.23 -10.66
CA ASP A 285 -33.36 5.79 -9.36
C ASP A 285 -33.95 5.03 -8.18
N GLN A 286 -35.18 4.53 -8.31
CA GLN A 286 -35.78 3.81 -7.19
C GLN A 286 -35.11 2.44 -7.05
N GLN A 287 -34.51 1.96 -8.16
CA GLN A 287 -33.74 0.72 -8.15
C GLN A 287 -32.30 1.01 -7.71
N ILE A 288 -31.73 2.09 -8.23
CA ILE A 288 -30.40 2.53 -7.80
C ILE A 288 -30.27 2.61 -6.28
N ILE A 289 -31.15 3.39 -5.64
CA ILE A 289 -31.16 3.43 -4.17
C ILE A 289 -31.51 2.07 -3.59
N GLN A 290 -32.34 1.31 -4.30
CA GLN A 290 -32.82 0.05 -3.79
C GLN A 290 -31.67 -0.92 -3.64
N LEU A 291 -30.72 -0.80 -4.57
CA LEU A 291 -29.49 -1.61 -4.59
C LEU A 291 -28.51 -1.16 -3.49
N ALA A 292 -28.26 0.15 -3.45
CA ALA A 292 -27.51 0.81 -2.38
C ALA A 292 -27.85 0.26 -0.98
N LYS A 293 -29.14 0.21 -0.62
CA LYS A 293 -29.51 -0.27 0.71
C LYS A 293 -29.13 -1.74 0.82
N LEU A 294 -29.30 -2.45 -0.29
CA LEU A 294 -28.92 -3.85 -0.34
C LEU A 294 -27.40 -3.97 -0.12
N GLY A 295 -26.64 -3.03 -0.69
CA GLY A 295 -25.21 -2.89 -0.47
C GLY A 295 -24.85 -2.76 1.00
N ARG A 296 -25.41 -1.75 1.67
CA ARG A 296 -25.09 -1.51 3.07
C ARG A 296 -25.52 -2.63 4.00
N LYS A 297 -26.60 -3.33 3.66
CA LYS A 297 -27.09 -4.43 4.50
C LYS A 297 -26.00 -5.50 4.67
N ILE A 298 -25.39 -5.81 3.53
CA ILE A 298 -24.30 -6.75 3.45
C ILE A 298 -23.01 -6.16 4.04
N GLU A 299 -22.78 -4.87 3.78
CA GLU A 299 -21.63 -4.19 4.37
C GLU A 299 -21.69 -4.44 5.88
N ALA A 300 -22.86 -4.19 6.44
CA ALA A 300 -23.11 -4.30 7.88
C ALA A 300 -22.97 -5.72 8.37
N TYR A 301 -23.49 -6.67 7.61
CA TYR A 301 -23.46 -8.06 8.06
C TYR A 301 -22.01 -8.51 8.27
N PHE A 302 -21.16 -8.18 7.31
CA PHE A 302 -19.76 -8.59 7.34
C PHE A 302 -18.88 -7.71 8.24
N GLY A 303 -19.27 -6.45 8.44
CA GLY A 303 -18.44 -5.53 9.20
C GLY A 303 -17.40 -4.74 8.41
N LYS A 304 -17.03 -5.24 7.22
CA LYS A 304 -16.01 -4.63 6.36
C LYS A 304 -16.65 -4.06 5.12
N PRO A 305 -16.06 -3.02 4.49
CA PRO A 305 -16.56 -2.70 3.16
C PRO A 305 -16.43 -3.87 2.19
N GLN A 306 -17.46 -4.02 1.34
CA GLN A 306 -17.64 -5.17 0.45
C GLN A 306 -17.69 -4.76 -1.02
N ASP A 307 -17.23 -5.68 -1.87
CA ASP A 307 -17.18 -5.55 -3.34
C ASP A 307 -18.17 -6.56 -3.95
N ILE A 308 -19.38 -6.07 -4.26
CA ILE A 308 -20.50 -6.94 -4.58
C ILE A 308 -20.86 -7.01 -6.04
N GLU A 309 -20.95 -8.25 -6.53
CA GLU A 309 -21.35 -8.54 -7.91
C GLU A 309 -22.87 -8.83 -7.92
N TRP A 310 -23.68 -8.05 -8.65
CA TRP A 310 -25.15 -8.18 -8.60
C TRP A 310 -25.89 -8.40 -9.95
N CYS A 311 -26.98 -9.17 -9.88
CA CYS A 311 -27.86 -9.46 -11.02
C CYS A 311 -29.24 -8.83 -10.86
N LEU A 312 -29.80 -8.34 -11.97
CA LEU A 312 -31.19 -7.85 -11.96
C LEU A 312 -32.12 -8.71 -12.83
N ALA A 313 -33.05 -9.42 -12.19
CA ALA A 313 -33.94 -10.39 -12.87
C ALA A 313 -35.41 -10.18 -12.52
N GLU A 314 -36.26 -10.15 -13.56
CA GLU A 314 -37.62 -9.59 -13.47
C GLU A 314 -37.19 -8.35 -12.70
N GLY A 315 -37.77 -8.16 -11.52
CA GLY A 315 -37.57 -6.93 -10.77
C GLY A 315 -36.69 -7.15 -9.55
N ALA A 316 -36.29 -8.40 -9.31
CA ALA A 316 -35.53 -8.76 -8.12
C ALA A 316 -34.03 -8.46 -8.22
N PHE A 317 -33.35 -8.54 -7.08
CA PHE A 317 -31.91 -8.25 -7.00
C PHE A 317 -31.18 -9.47 -6.45
N TYR A 318 -30.32 -10.07 -7.26
CA TYR A 318 -29.62 -11.27 -6.79
C TYR A 318 -28.14 -10.95 -6.58
N ILE A 319 -27.64 -11.16 -5.37
CA ILE A 319 -26.21 -10.92 -5.19
C ILE A 319 -25.48 -12.21 -5.52
N VAL A 320 -24.67 -12.14 -6.56
CA VAL A 320 -23.95 -13.28 -7.09
C VAL A 320 -22.77 -13.62 -6.21
N GLN A 321 -21.96 -12.60 -5.93
CA GLN A 321 -20.70 -12.78 -5.25
C GLN A 321 -20.45 -11.60 -4.34
N SER A 322 -19.76 -11.84 -3.23
CA SER A 322 -19.45 -10.76 -2.32
C SER A 322 -18.12 -10.99 -1.60
N ARG A 323 -17.14 -10.14 -1.87
CA ARG A 323 -15.88 -10.24 -1.15
C ARG A 323 -15.48 -8.91 -0.48
N PRO A 324 -14.66 -9.00 0.58
CA PRO A 324 -14.13 -7.79 1.18
C PRO A 324 -13.38 -6.97 0.17
N ILE A 325 -13.44 -5.66 0.35
CA ILE A 325 -12.57 -4.74 -0.38
C ILE A 325 -11.19 -4.80 0.27
N THR A 326 -10.16 -5.15 -0.48
CA THR A 326 -8.87 -5.44 0.16
C THR A 326 -7.91 -4.25 0.30
N THR A 327 -7.86 -3.37 -0.69
CA THR A 327 -6.91 -2.28 -0.67
C THR A 327 -7.56 -1.02 -0.14
N LEU A 328 -7.48 -0.86 1.16
CA LEU A 328 -8.20 0.23 1.81
C LEU A 328 -7.44 0.61 3.08
N TYR A 329 -6.89 1.82 3.07
CA TYR A 329 -6.24 2.36 4.23
C TYR A 329 -7.25 2.48 5.35
N PRO A 330 -6.94 1.82 6.47
CA PRO A 330 -7.64 1.79 7.74
C PRO A 330 -7.88 3.18 8.29
N ILE A 331 -8.97 3.33 9.05
CA ILE A 331 -9.27 4.56 9.75
C ILE A 331 -8.93 4.35 11.21
N PRO A 332 -8.13 5.24 11.78
CA PRO A 332 -7.80 4.96 13.18
C PRO A 332 -9.06 5.01 14.03
N GLU A 333 -9.10 4.25 15.12
CA GLU A 333 -10.22 4.34 16.03
C GLU A 333 -9.97 5.52 16.96
N VAL A 334 -10.43 6.68 16.53
CA VAL A 334 -10.38 7.88 17.36
C VAL A 334 -11.77 8.16 17.88
N ASN A 335 -11.87 8.17 19.21
CA ASN A 335 -13.15 8.27 19.90
C ASN A 335 -13.49 9.71 20.19
N GLU A 336 -13.70 10.46 19.14
CA GLU A 336 -14.20 11.83 19.25
C GLU A 336 -15.22 11.95 18.15
N PRO A 337 -16.25 12.78 18.32
CA PRO A 337 -17.36 12.65 17.38
C PRO A 337 -17.29 13.64 16.20
N GLY A 338 -18.17 13.46 15.22
CA GLY A 338 -18.29 14.37 14.09
C GLY A 338 -17.11 14.18 13.16
N ASN A 339 -17.17 14.81 12.01
CA ASN A 339 -16.16 14.65 10.98
C ASN A 339 -14.82 15.23 11.41
N ARG A 340 -13.74 14.47 11.22
CA ARG A 340 -12.41 14.85 11.70
C ARG A 340 -11.28 14.75 10.65
N VAL A 341 -10.16 15.40 10.93
CA VAL A 341 -9.05 15.46 10.01
C VAL A 341 -7.76 14.89 10.66
N TYR A 342 -7.07 13.99 9.98
CA TYR A 342 -5.80 13.50 10.51
C TYR A 342 -4.65 13.67 9.53
N ILE A 343 -3.57 14.27 10.02
CA ILE A 343 -2.44 14.57 9.19
C ILE A 343 -1.31 13.52 9.34
N SER A 344 -0.74 13.13 8.21
CA SER A 344 0.29 12.14 8.23
C SER A 344 1.59 12.66 8.75
N VAL A 345 1.99 12.14 9.90
CA VAL A 345 3.29 12.40 10.50
C VAL A 345 4.37 11.66 9.75
N ALA A 346 3.97 10.54 9.18
CA ALA A 346 4.80 9.84 8.20
C ALA A 346 5.40 10.80 7.16
N HIS A 347 4.54 11.62 6.58
CA HIS A 347 4.98 12.50 5.53
C HIS A 347 5.81 13.66 6.09
N GLN A 348 5.44 14.21 7.24
CA GLN A 348 6.22 15.25 7.85
C GLN A 348 7.61 14.73 8.19
N GLN A 349 7.70 13.46 8.53
CA GLN A 349 9.00 12.91 8.91
C GLN A 349 9.75 12.43 7.69
N MET A 350 9.18 12.66 6.51
CA MET A 350 9.54 11.96 5.29
C MET A 350 9.88 10.53 5.58
N MET A 351 8.90 9.71 5.95
CA MET A 351 9.23 8.29 6.05
C MET A 351 8.21 7.41 5.36
N THR A 352 6.97 7.43 5.79
CA THR A 352 5.88 6.75 5.03
C THR A 352 6.30 5.36 4.45
N ASP A 353 7.13 4.62 5.15
CA ASP A 353 7.25 3.16 5.14
C ASP A 353 6.45 2.68 6.33
N ALA A 354 5.89 1.47 6.28
CA ALA A 354 5.10 0.98 7.39
C ALA A 354 5.94 0.59 8.61
N MET A 355 5.45 0.88 9.81
CA MET A 355 6.20 0.62 11.02
C MET A 355 5.73 -0.65 11.73
N LYS A 356 6.69 -1.40 12.26
CA LYS A 356 6.41 -2.54 13.11
C LYS A 356 5.88 -2.05 14.46
N PRO A 357 5.16 -2.91 15.21
CA PRO A 357 4.55 -2.27 16.39
C PRO A 357 5.53 -1.82 17.46
N LEU A 358 6.53 -2.61 17.83
CA LEU A 358 7.55 -2.16 18.80
C LEU A 358 8.22 -0.79 18.46
N GLY A 359 8.22 -0.42 17.19
CA GLY A 359 8.72 0.88 16.77
C GLY A 359 7.71 1.98 16.99
N LEU A 360 6.45 1.68 16.66
CA LEU A 360 5.35 2.56 16.96
C LEU A 360 5.28 2.88 18.45
N SER A 361 5.53 1.88 19.30
CA SER A 361 5.55 2.08 20.75
C SER A 361 6.53 3.16 21.11
N PHE A 362 7.80 2.88 20.87
CA PHE A 362 8.85 3.80 21.27
C PHE A 362 8.69 5.20 20.72
N TYR A 363 7.98 5.34 19.60
CA TYR A 363 7.71 6.67 19.08
C TYR A 363 6.69 7.28 20.03
N LEU A 364 5.48 6.74 20.07
CA LEU A 364 4.40 7.26 20.92
C LEU A 364 4.82 7.51 22.38
N MET A 365 5.60 6.59 22.92
CA MET A 365 6.06 6.67 24.30
C MET A 365 7.00 7.85 24.57
N THR A 366 7.57 8.42 23.53
CA THR A 366 8.47 9.55 23.67
C THR A 366 7.86 10.86 23.21
N THR A 367 6.53 10.91 23.07
CA THR A 367 5.89 12.18 22.82
C THR A 367 4.53 12.27 23.49
N PRO A 368 4.34 13.34 24.29
CA PRO A 368 3.12 13.63 25.05
C PRO A 368 1.96 13.96 24.13
N ALA A 369 2.28 14.36 22.90
CA ALA A 369 1.26 14.68 21.89
C ALA A 369 0.31 13.48 21.62
N THR A 370 -0.94 13.78 21.28
CA THR A 370 -1.92 12.72 21.11
C THR A 370 -1.97 12.31 19.64
N MET A 371 -1.39 11.14 19.38
CA MET A 371 -1.24 10.57 18.05
C MET A 371 -2.05 9.29 17.91
N TYR A 372 -2.52 9.03 16.71
CA TYR A 372 -3.15 7.77 16.45
C TYR A 372 -2.37 6.88 15.49
N THR A 373 -2.89 5.69 15.24
CA THR A 373 -2.26 4.72 14.38
C THR A 373 -3.24 4.15 13.43
N ALA A 374 -2.83 4.08 12.18
CA ALA A 374 -3.66 3.44 11.18
C ALA A 374 -2.81 2.95 10.03
N GLY A 375 -2.91 1.65 9.73
CA GLY A 375 -2.18 1.08 8.62
C GLY A 375 -0.66 1.09 8.76
N GLY A 376 -0.19 0.91 9.99
CA GLY A 376 1.23 0.81 10.30
C GLY A 376 1.91 2.15 10.47
N ARG A 377 1.14 3.23 10.48
CA ARG A 377 1.72 4.56 10.44
C ARG A 377 1.09 5.56 11.39
N LEU A 378 1.75 6.67 11.64
CA LEU A 378 1.24 7.64 12.61
C LEU A 378 0.45 8.77 12.01
N PHE A 379 -0.50 9.29 12.78
CA PHE A 379 -1.33 10.45 12.40
C PHE A 379 -1.57 11.45 13.55
N VAL A 380 -1.70 12.73 13.25
CA VAL A 380 -2.13 13.66 14.30
C VAL A 380 -3.51 14.23 14.00
N ASP A 381 -4.37 14.21 15.01
CA ASP A 381 -5.69 14.80 14.90
C ASP A 381 -5.62 16.30 15.00
N ILE A 382 -5.99 17.00 13.94
CA ILE A 382 -5.83 18.45 13.96
C ILE A 382 -7.16 19.17 13.82
N THR A 383 -8.26 18.44 13.98
CA THR A 383 -9.57 18.97 13.63
C THR A 383 -10.02 20.02 14.63
N GLN A 384 -9.35 20.11 15.77
CA GLN A 384 -9.67 21.18 16.72
C GLN A 384 -9.04 22.52 16.35
N SER A 385 -7.73 22.52 16.10
CA SER A 385 -7.03 23.68 15.59
C SER A 385 -7.72 24.27 14.36
N LEU A 386 -8.46 23.47 13.61
CA LEU A 386 -9.11 23.94 12.40
C LEU A 386 -10.50 24.49 12.66
N SER A 387 -10.97 24.39 13.90
CA SER A 387 -12.33 24.83 14.20
C SER A 387 -12.40 26.32 14.56
N ALA A 388 -11.24 26.91 14.84
CA ALA A 388 -11.13 28.33 15.16
C ALA A 388 -10.39 29.10 14.06
N LYS A 389 -10.97 30.22 13.63
CA LYS A 389 -10.37 31.08 12.60
C LYS A 389 -8.91 31.38 12.94
N VAL A 390 -8.68 31.64 14.22
CA VAL A 390 -7.37 32.02 14.73
C VAL A 390 -6.41 30.84 14.69
N SER A 391 -6.89 29.65 15.05
CA SER A 391 -6.06 28.44 15.10
C SER A 391 -5.90 27.90 13.69
N ARG A 392 -7.02 27.84 12.97
CA ARG A 392 -7.03 27.37 11.59
C ARG A 392 -5.94 28.06 10.79
N ASP A 393 -5.95 29.38 10.91
CA ASP A 393 -5.05 30.26 10.18
C ASP A 393 -3.59 29.97 10.52
N MET A 394 -3.31 29.73 11.80
CA MET A 394 -1.96 29.37 12.21
C MET A 394 -1.49 28.08 11.53
N MET A 395 -2.34 27.05 11.53
CA MET A 395 -2.02 25.72 10.99
C MET A 395 -1.71 25.74 9.50
N VAL A 396 -2.69 26.17 8.72
CA VAL A 396 -2.54 26.30 7.28
C VAL A 396 -1.25 27.03 6.96
N ASN A 397 -0.92 28.06 7.75
CA ASN A 397 0.23 28.91 7.45
C ASN A 397 1.57 28.21 7.69
N SER A 398 1.71 27.54 8.83
CA SER A 398 2.96 26.86 9.18
C SER A 398 3.27 25.66 8.30
N LEU A 399 2.23 25.04 7.75
CA LEU A 399 2.41 23.90 6.87
C LEU A 399 2.78 24.32 5.45
N GLY A 400 2.61 25.61 5.15
CA GLY A 400 3.05 26.17 3.89
C GLY A 400 4.57 26.21 3.81
N GLN A 401 5.22 26.52 4.94
CA GLN A 401 6.67 26.54 5.04
C GLN A 401 7.28 25.11 5.05
N SER A 402 7.02 24.35 6.13
CA SER A 402 7.49 22.97 6.21
C SER A 402 6.41 21.98 5.80
N ASP A 403 6.74 21.16 4.81
CA ASP A 403 5.78 20.27 4.16
C ASP A 403 4.61 20.87 3.38
N PRO A 404 4.89 21.92 2.56
CA PRO A 404 3.76 22.38 1.76
C PRO A 404 3.35 21.18 0.95
N LEU A 405 2.19 21.28 0.28
CA LEU A 405 1.63 20.14 -0.45
C LEU A 405 0.92 19.19 0.52
N ILE A 406 1.15 19.38 1.82
CA ILE A 406 0.20 18.90 2.83
C ILE A 406 -0.78 20.03 3.01
N LYS A 407 -0.28 21.25 2.91
CA LYS A 407 -1.14 22.43 2.96
C LYS A 407 -2.27 22.29 1.95
N ASP A 408 -1.92 22.02 0.71
CA ASP A 408 -2.92 21.97 -0.34
C ASP A 408 -3.95 20.90 -0.03
N ALA A 409 -3.48 19.74 0.43
CA ALA A 409 -4.37 18.67 0.87
C ALA A 409 -5.25 19.15 2.00
N LEU A 410 -4.66 19.90 2.92
CA LEU A 410 -5.43 20.42 4.03
C LEU A 410 -6.45 21.34 3.45
N LEU A 411 -5.97 22.20 2.55
CA LEU A 411 -6.81 23.24 1.95
C LEU A 411 -8.07 22.64 1.29
N THR A 412 -7.95 21.52 0.59
CA THR A 412 -9.14 20.95 -0.02
C THR A 412 -10.10 20.50 1.06
N VAL A 413 -9.60 20.09 2.22
CA VAL A 413 -10.51 19.66 3.28
C VAL A 413 -11.30 20.83 3.81
N ILE A 414 -10.59 21.95 3.94
CA ILE A 414 -11.12 23.16 4.55
C ILE A 414 -12.40 23.63 3.85
N ASN A 415 -12.47 23.45 2.53
CA ASN A 415 -13.69 23.84 1.83
C ASN A 415 -14.43 22.71 1.14
N LYS A 416 -14.50 21.56 1.78
CA LYS A 416 -15.31 20.50 1.26
C LYS A 416 -16.75 20.84 1.59
N LYS A 417 -16.98 21.81 2.44
CA LYS A 417 -18.30 22.22 2.78
C LYS A 417 -19.28 21.38 3.56
N GLY A 418 -19.54 20.20 3.06
CA GLY A 418 -20.31 19.25 3.82
C GLY A 418 -19.54 18.82 5.03
N PHE A 419 -18.24 18.78 4.87
CA PHE A 419 -17.36 18.29 5.91
C PHE A 419 -16.86 18.61 7.28
N LEU A 420 -16.38 19.83 7.46
CA LEU A 420 -16.24 20.41 8.75
C LEU A 420 -17.07 21.61 9.01
N PRO A 421 -17.59 21.60 10.28
CA PRO A 421 -18.43 22.72 10.65
C PRO A 421 -17.95 24.07 10.23
N PRO A 422 -18.94 25.04 10.21
CA PRO A 422 -18.47 26.37 9.82
C PRO A 422 -18.14 27.08 11.10
N LEU A 423 -17.28 28.08 11.04
CA LEU A 423 -16.90 28.77 12.24
C LEU A 423 -17.89 29.84 12.69
N SER A 442 12.06 32.68 23.52
CA SER A 442 12.61 33.75 24.34
C SER A 442 14.10 33.92 24.07
N ILE A 443 14.61 33.22 23.04
CA ILE A 443 16.04 33.20 22.69
C ILE A 443 17.34 32.99 23.48
N PRO A 444 17.53 31.81 24.08
CA PRO A 444 18.37 31.70 25.27
C PRO A 444 19.83 31.98 24.93
N ASP A 445 20.68 31.73 25.92
CA ASP A 445 22.08 32.07 25.87
C ASP A 445 22.87 31.60 24.65
N SER A 446 23.93 32.31 24.33
CA SER A 446 24.87 31.86 23.32
C SER A 446 25.60 30.60 23.80
N SER A 447 25.48 30.30 25.11
CA SER A 447 26.06 29.11 25.73
C SER A 447 25.14 27.88 25.62
N SER A 448 23.83 28.10 25.70
CA SER A 448 22.78 27.08 25.72
C SER A 448 22.95 25.88 24.79
N VAL A 449 23.05 26.18 23.50
CA VAL A 449 23.24 25.17 22.47
C VAL A 449 24.45 24.29 22.77
N PHE A 450 25.58 24.91 23.08
CA PHE A 450 26.74 24.15 23.53
C PHE A 450 26.35 23.32 24.74
N GLU A 451 25.66 23.92 25.71
CA GLU A 451 25.33 23.22 26.97
C GLU A 451 24.38 22.06 26.74
N LEU A 452 23.43 22.27 25.82
CA LEU A 452 22.45 21.25 25.48
C LEU A 452 23.13 20.02 24.87
N VAL A 453 23.99 20.27 23.89
CA VAL A 453 24.76 19.23 23.24
C VAL A 453 25.61 18.47 24.25
N ARG A 454 26.47 19.21 24.95
CA ARG A 454 27.40 18.62 25.92
C ARG A 454 26.67 17.72 26.87
N ASN A 455 25.49 18.17 27.29
CA ASN A 455 24.66 17.43 28.23
C ASN A 455 24.16 16.11 27.71
N SER A 456 23.72 16.10 26.45
CA SER A 456 23.12 14.89 25.88
C SER A 456 24.20 13.87 25.59
N GLU A 457 25.36 14.37 25.16
CA GLU A 457 26.50 13.48 24.88
C GLU A 457 26.83 12.70 26.17
N ASN A 458 26.86 13.40 27.30
CA ASN A 458 27.13 12.82 28.62
C ASN A 458 26.04 11.87 29.11
N SER A 459 24.78 12.30 28.98
CA SER A 459 23.65 11.46 29.34
C SER A 459 23.69 10.12 28.62
N ILE A 460 24.23 10.14 27.38
CA ILE A 460 24.32 8.96 26.55
C ILE A 460 25.45 8.06 27.01
N LYS A 461 26.60 8.66 27.31
CA LYS A 461 27.72 7.91 27.85
C LYS A 461 27.26 7.16 29.09
N HIS A 462 26.48 7.84 29.94
CA HIS A 462 25.91 7.21 31.12
C HIS A 462 25.02 6.02 30.75
N LEU A 463 24.13 6.24 29.76
CA LEU A 463 23.18 5.22 29.35
C LEU A 463 23.86 3.91 28.93
N LYS A 464 24.79 3.99 27.99
CA LYS A 464 25.54 2.82 27.56
C LYS A 464 26.03 1.99 28.75
N GLN A 465 26.70 2.67 29.69
CA GLN A 465 27.23 2.03 30.90
C GLN A 465 26.16 1.18 31.59
N SER A 466 25.08 1.81 32.02
CA SER A 466 24.05 1.12 32.78
C SER A 466 23.33 -0.05 32.08
N ILE A 467 23.17 0.00 30.75
CA ILE A 467 22.25 -0.97 30.14
C ILE A 467 22.79 -2.38 30.07
N GLU A 468 24.12 -2.52 29.98
CA GLU A 468 24.73 -3.84 29.96
C GLU A 468 24.73 -4.44 31.37
N THR A 469 24.61 -3.57 32.36
CA THR A 469 24.29 -4.01 33.72
C THR A 469 22.92 -4.68 33.69
N LYS A 470 21.93 -3.95 33.20
CA LYS A 470 20.55 -4.40 33.27
C LYS A 470 20.27 -5.61 32.38
N SER A 471 19.09 -6.19 32.53
CA SER A 471 18.78 -7.53 32.04
C SER A 471 17.34 -7.84 32.43
N GLY A 472 16.84 -9.01 32.03
CA GLY A 472 15.53 -9.46 32.44
C GLY A 472 14.45 -8.41 32.59
N SER A 473 13.54 -8.62 33.55
CA SER A 473 12.41 -7.70 33.77
C SER A 473 12.87 -6.36 34.36
N ASP A 474 14.17 -6.23 34.59
CA ASP A 474 14.76 -5.00 35.13
C ASP A 474 15.23 -4.08 34.01
N LEU A 475 15.59 -4.67 32.86
CA LEU A 475 15.89 -3.91 31.65
C LEU A 475 14.70 -3.02 31.32
N PHE A 476 13.52 -3.60 31.28
CA PHE A 476 12.32 -2.85 30.96
C PHE A 476 12.06 -1.79 32.00
N ASP A 477 12.27 -2.16 33.26
CA ASP A 477 12.25 -1.22 34.38
C ASP A 477 13.15 -0.02 34.11
N PHE A 478 14.35 -0.34 33.64
CA PHE A 478 15.38 0.68 33.46
C PHE A 478 15.02 1.64 32.35
N ILE A 479 14.60 1.12 31.21
CA ILE A 479 14.41 1.98 30.07
C ILE A 479 13.18 2.87 30.25
N VAL A 480 12.17 2.39 30.99
CA VAL A 480 11.01 3.25 31.25
C VAL A 480 11.46 4.50 31.99
N GLU A 481 12.44 4.33 32.86
CA GLU A 481 12.96 5.48 33.59
C GLU A 481 13.87 6.31 32.69
N ASP A 482 14.60 5.66 31.78
CA ASP A 482 15.42 6.43 30.86
C ASP A 482 14.56 7.31 29.95
N LEU A 483 13.44 6.77 29.47
CA LEU A 483 12.52 7.57 28.64
C LEU A 483 12.24 8.94 29.28
N GLU A 484 12.42 8.98 30.60
CA GLU A 484 12.27 10.21 31.35
C GLU A 484 13.49 11.09 31.20
N GLU A 485 14.68 10.50 31.24
CA GLU A 485 15.88 11.29 31.02
C GLU A 485 15.92 11.75 29.56
N LEU A 486 15.39 10.92 28.68
CA LEU A 486 15.29 11.24 27.26
C LEU A 486 14.50 12.52 27.08
N LYS A 487 13.22 12.49 27.45
CA LYS A 487 12.39 13.68 27.36
C LYS A 487 13.06 14.86 28.09
N ARG A 488 13.73 14.56 29.21
CA ARG A 488 14.37 15.59 30.01
C ARG A 488 15.38 16.32 29.16
N VAL A 489 16.49 15.65 28.84
CA VAL A 489 17.64 16.23 28.13
C VAL A 489 17.42 16.61 26.65
N LEU A 490 16.47 15.99 25.99
CA LEU A 490 16.29 16.32 24.60
C LEU A 490 15.25 17.42 24.41
N PHE A 491 14.25 17.48 25.29
CA PHE A 491 13.18 18.46 25.10
C PHE A 491 13.02 19.03 26.51
N ASN A 492 13.92 19.95 26.85
CA ASN A 492 13.78 20.97 27.88
C ASN A 492 13.00 22.09 27.34
N PRO A 493 12.54 22.98 28.22
CA PRO A 493 12.13 24.26 27.68
C PRO A 493 13.25 24.93 26.87
N THR A 494 14.50 24.75 27.25
CA THR A 494 15.57 25.46 26.55
C THR A 494 15.75 24.91 25.15
N SER A 495 15.71 23.60 25.06
CA SER A 495 15.82 22.95 23.77
C SER A 495 14.79 23.49 22.82
N ILE A 496 13.52 23.51 23.27
CA ILE A 496 12.44 24.00 22.44
C ILE A 496 12.68 25.46 22.02
N ASP A 497 13.14 26.30 22.94
CA ASP A 497 13.35 27.69 22.58
C ASP A 497 14.46 27.81 21.54
N ALA A 498 15.53 27.05 21.75
CA ALA A 498 16.70 27.09 20.86
C ALA A 498 16.34 26.70 19.43
N ILE A 499 15.76 25.51 19.25
CA ILE A 499 15.11 25.10 17.99
C ILE A 499 14.33 26.25 17.38
N MET A 500 13.35 26.72 18.16
CA MET A 500 12.38 27.71 17.71
C MET A 500 12.98 29.08 17.42
N ALA A 501 14.00 29.47 18.16
CA ALA A 501 14.67 30.74 17.87
C ALA A 501 15.19 30.69 16.44
N GLY A 502 15.87 29.61 16.09
CA GLY A 502 16.28 29.40 14.71
C GLY A 502 15.15 29.41 13.69
N MET A 503 14.11 28.61 13.93
CA MET A 503 12.94 28.57 13.06
C MET A 503 12.19 29.91 12.89
N ASP A 504 11.82 30.49 14.04
CA ASP A 504 11.16 31.78 14.05
C ASP A 504 11.99 32.81 13.29
N ALA A 505 13.32 32.70 13.41
CA ALA A 505 14.25 33.61 12.78
C ALA A 505 14.24 33.51 11.23
N SER A 506 14.28 32.30 10.70
CA SER A 506 14.18 32.18 9.24
C SER A 506 12.81 32.71 8.76
N ALA A 507 11.73 32.37 9.48
CA ALA A 507 10.40 32.87 9.11
C ALA A 507 10.41 34.39 8.92
N TRP A 508 10.66 35.11 10.02
CA TRP A 508 10.80 36.55 10.05
C TRP A 508 11.56 37.09 8.85
N LEU A 509 12.68 36.48 8.53
CA LEU A 509 13.47 36.89 7.38
C LEU A 509 12.74 36.69 6.05
N ASN A 510 12.15 35.51 5.85
CA ASN A 510 11.47 35.17 4.58
C ASN A 510 10.36 36.10 4.21
N GLU A 511 9.53 36.33 5.21
CA GLU A 511 8.42 37.24 5.10
C GLU A 511 8.94 38.67 4.94
N HIS A 512 9.72 39.16 5.90
CA HIS A 512 10.10 40.56 5.91
C HIS A 512 10.97 40.99 4.73
N ILE A 513 11.74 40.09 4.16
CA ILE A 513 12.58 40.54 3.04
C ILE A 513 11.72 40.54 1.79
N TYR A 514 10.73 39.66 1.79
CA TYR A 514 9.77 39.59 0.71
C TYR A 514 8.87 40.81 0.73
N GLN A 515 8.46 41.19 1.95
CA GLN A 515 7.65 42.39 2.24
C GLN A 515 8.37 43.70 1.93
N TRP A 516 9.69 43.70 2.01
CA TRP A 516 10.50 44.90 1.78
C TRP A 516 11.20 44.89 0.41
N LEU A 517 11.82 43.77 0.04
CA LEU A 517 12.62 43.69 -1.19
C LEU A 517 12.00 42.86 -2.33
N GLY A 518 10.94 42.12 -2.07
CA GLY A 518 10.35 41.27 -3.09
C GLY A 518 11.15 40.01 -3.46
N GLU A 519 11.88 39.49 -2.48
CA GLU A 519 12.72 38.29 -2.64
C GLU A 519 12.21 37.18 -1.72
N LYS A 520 11.89 36.04 -2.33
CA LYS A 520 11.23 34.97 -1.59
C LYS A 520 12.24 33.91 -1.15
N ASN A 521 12.01 33.38 0.05
CA ASN A 521 12.74 32.24 0.55
C ASN A 521 14.20 32.59 0.69
N VAL A 522 14.44 33.81 1.17
CA VAL A 522 15.80 34.29 1.34
C VAL A 522 16.50 33.50 2.45
N ALA A 523 15.72 32.87 3.32
CA ALA A 523 16.30 32.15 4.46
C ALA A 523 17.04 30.89 4.04
N ASP A 524 16.63 30.28 2.92
CA ASP A 524 17.30 29.07 2.43
C ASP A 524 18.77 29.37 2.12
N LYS A 525 19.07 30.57 1.66
CA LYS A 525 20.43 30.90 1.25
C LYS A 525 21.27 31.58 2.35
N LEU A 526 20.62 32.24 3.29
CA LEU A 526 21.34 32.85 4.40
C LEU A 526 21.81 31.77 5.35
N SER A 527 21.09 30.65 5.41
CA SER A 527 21.44 29.60 6.37
C SER A 527 22.33 28.50 5.77
N GLU A 528 22.68 28.68 4.51
CA GLU A 528 23.59 27.76 3.82
C GLU A 528 24.92 27.63 4.57
N SER A 529 25.34 26.38 4.78
CA SER A 529 26.60 26.07 5.46
C SER A 529 26.66 26.60 6.88
N ALA A 530 25.54 26.54 7.56
CA ALA A 530 25.49 27.01 8.93
C ALA A 530 26.13 26.02 9.89
N PRO A 531 26.82 26.52 10.90
CA PRO A 531 27.50 25.64 11.85
C PRO A 531 26.56 24.74 12.61
N ASN A 532 27.12 23.68 13.18
CA ASN A 532 26.48 22.84 14.20
C ASN A 532 25.27 22.10 13.72
N ASN A 533 25.35 21.63 12.49
CA ASN A 533 24.27 20.86 11.88
C ASN A 533 24.70 19.42 11.80
N ILE A 534 24.25 18.58 12.73
CA ILE A 534 24.78 17.23 12.86
C ILE A 534 24.42 16.37 11.62
N THR A 535 23.32 16.73 10.98
CA THR A 535 22.93 16.11 9.74
C THR A 535 23.90 16.50 8.65
N SER A 536 24.09 17.80 8.50
CA SER A 536 24.93 18.31 7.47
C SER A 536 26.34 17.71 7.63
N GLN A 537 26.80 17.62 8.87
CA GLN A 537 28.13 17.09 9.11
C GLN A 537 28.22 15.63 8.68
N MET A 538 27.15 14.87 8.86
CA MET A 538 27.17 13.46 8.48
C MET A 538 27.32 13.24 6.97
N TYR A 539 26.70 14.11 6.17
CA TYR A 539 26.70 13.85 4.74
C TYR A 539 28.06 14.23 4.18
N LEU A 540 28.61 15.33 4.67
CA LEU A 540 29.94 15.77 4.25
C LEU A 540 30.97 14.71 4.59
N GLU A 541 30.89 14.21 5.81
CA GLU A 541 31.81 13.18 6.27
C GLU A 541 31.69 11.93 5.41
N LEU A 542 30.47 11.61 4.97
CA LEU A 542 30.33 10.46 4.07
C LEU A 542 31.05 10.69 2.74
N LEU A 543 31.03 11.92 2.23
CA LEU A 543 31.81 12.22 1.03
C LEU A 543 33.28 11.93 1.27
N ASP A 544 33.77 12.21 2.47
CA ASP A 544 35.15 11.90 2.77
C ASP A 544 35.34 10.40 2.76
N VAL A 545 34.35 9.65 3.23
CA VAL A 545 34.45 8.21 3.19
C VAL A 545 34.61 7.82 1.74
N ALA A 546 33.90 8.51 0.86
CA ALA A 546 33.96 8.19 -0.55
C ALA A 546 35.33 8.55 -1.09
N ASP A 547 35.74 9.80 -0.90
CA ASP A 547 37.08 10.29 -1.25
C ASP A 547 38.24 9.32 -0.90
N VAL A 548 38.10 8.55 0.16
CA VAL A 548 39.11 7.57 0.55
C VAL A 548 39.28 6.46 -0.51
N ILE A 549 38.16 6.00 -1.04
CA ILE A 549 38.11 4.87 -1.93
C ILE A 549 38.57 5.14 -3.36
N ARG A 550 38.39 6.36 -3.86
CA ARG A 550 38.60 6.62 -5.30
C ARG A 550 39.99 6.28 -5.87
N PRO A 551 41.07 6.45 -5.11
CA PRO A 551 42.31 5.91 -5.66
C PRO A 551 42.29 4.41 -5.93
N TYR A 552 41.75 3.64 -5.02
CA TYR A 552 41.88 2.21 -5.07
C TYR A 552 40.77 1.48 -5.83
N PRO A 553 40.93 1.28 -7.14
CA PRO A 553 39.84 0.67 -7.92
C PRO A 553 39.47 -0.76 -7.51
N ALA A 554 40.37 -1.47 -6.84
CA ALA A 554 40.05 -2.78 -6.29
C ALA A 554 38.86 -2.67 -5.35
N VAL A 555 39.01 -1.89 -4.29
CA VAL A 555 37.92 -1.82 -3.33
C VAL A 555 36.63 -1.27 -3.92
N ARG A 556 36.70 -0.31 -4.82
CA ARG A 556 35.46 0.25 -5.34
C ARG A 556 34.72 -0.80 -6.16
N ALA A 557 35.49 -1.61 -6.90
CA ALA A 557 34.91 -2.65 -7.73
C ALA A 557 34.46 -3.86 -6.90
N TYR A 558 34.97 -3.96 -5.68
CA TYR A 558 34.53 -4.98 -4.73
C TYR A 558 33.23 -4.56 -4.00
N LEU A 559 33.13 -3.29 -3.65
CA LEU A 559 31.94 -2.79 -2.97
C LEU A 559 30.70 -2.97 -3.82
N GLU A 560 30.84 -2.70 -5.12
CA GLU A 560 29.70 -2.77 -6.05
C GLU A 560 29.25 -4.21 -6.27
N GLN A 561 30.21 -5.13 -6.22
CA GLN A 561 30.00 -6.55 -6.52
C GLN A 561 29.84 -7.47 -5.32
N THR A 562 29.44 -6.90 -4.18
CA THR A 562 29.43 -7.69 -2.95
C THR A 562 28.02 -7.80 -2.41
N LYS A 563 27.74 -8.92 -1.76
CA LYS A 563 26.46 -9.14 -1.08
C LYS A 563 26.75 -9.67 0.31
N ASN A 564 28.02 -9.59 0.72
CA ASN A 564 28.41 -10.10 2.02
C ASN A 564 28.34 -9.04 3.13
N PRO A 565 27.36 -9.17 4.05
CA PRO A 565 27.18 -8.24 5.17
C PRO A 565 28.42 -8.10 6.05
N ASP A 566 29.08 -9.22 6.30
CA ASP A 566 30.38 -9.24 6.93
C ASP A 566 31.44 -9.10 5.83
N PHE A 567 31.62 -7.87 5.33
CA PHE A 567 32.59 -7.58 4.25
C PHE A 567 33.71 -6.67 4.68
N MET A 568 33.49 -5.91 5.74
CA MET A 568 34.52 -5.01 6.21
C MET A 568 35.72 -5.82 6.67
N ASN A 569 35.48 -7.07 7.03
CA ASN A 569 36.58 -7.93 7.40
C ASN A 569 37.39 -8.31 6.17
N GLU A 570 36.71 -8.79 5.13
CA GLU A 570 37.34 -9.13 3.84
C GLU A 570 38.07 -7.95 3.18
N LEU A 571 37.95 -6.76 3.75
CA LEU A 571 38.42 -5.56 3.08
C LEU A 571 39.93 -5.39 3.10
N ALA A 572 40.56 -5.68 4.24
CA ALA A 572 41.99 -5.44 4.42
C ALA A 572 42.90 -6.30 3.51
N THR A 573 42.28 -7.27 2.81
CA THR A 573 42.92 -7.97 1.70
C THR A 573 43.51 -7.05 0.64
N LEU A 574 42.64 -6.22 0.06
CA LEU A 574 42.98 -5.38 -1.06
C LEU A 574 43.89 -4.24 -0.69
N GLU A 575 44.51 -3.65 -1.70
CA GLU A 575 45.39 -2.56 -1.43
C GLU A 575 44.60 -1.43 -0.87
N GLY A 576 43.44 -1.23 -1.44
CA GLY A 576 42.58 -0.18 -0.97
C GLY A 576 42.00 -0.28 0.42
N GLY A 577 41.60 -1.47 0.83
CA GLY A 577 40.93 -1.70 2.09
C GLY A 577 41.86 -1.35 3.18
N ALA A 578 41.46 -1.55 4.42
CA ALA A 578 42.32 -1.21 5.52
C ALA A 578 42.28 0.26 5.61
N GLU A 579 42.63 0.95 4.55
CA GLU A 579 42.53 2.39 4.59
C GLU A 579 41.06 2.69 4.59
N THR A 580 40.35 2.03 3.71
CA THR A 580 38.91 2.12 3.60
C THR A 580 38.24 1.70 4.90
N LYS A 581 38.57 0.51 5.38
CA LYS A 581 37.93 -0.04 6.58
C LYS A 581 37.90 0.93 7.76
N LYS A 582 39.02 1.54 8.09
CA LYS A 582 39.07 2.45 9.23
C LYS A 582 38.13 3.65 9.07
N ALA A 583 38.02 4.20 7.86
CA ALA A 583 37.21 5.40 7.66
C ALA A 583 35.71 5.07 7.78
N LEU A 584 35.35 3.87 7.36
CA LEU A 584 34.00 3.35 7.53
C LEU A 584 33.65 3.13 8.99
N GLU A 585 34.65 2.80 9.80
CA GLU A 585 34.44 2.59 11.22
C GLU A 585 34.37 3.90 11.99
N ASP A 586 35.21 4.86 11.62
CA ASP A 586 35.12 6.19 12.19
C ASP A 586 33.73 6.73 11.93
N TYR A 587 33.26 6.59 10.70
CA TYR A 587 31.93 7.03 10.34
C TYR A 587 30.78 6.26 11.05
N LEU A 588 30.78 4.93 10.96
CA LEU A 588 29.78 4.15 11.68
C LEU A 588 29.80 4.43 13.18
N GLN A 589 30.92 4.91 13.73
CA GLN A 589 31.00 5.11 15.17
C GLN A 589 30.23 6.33 15.61
N LYS A 590 30.18 7.32 14.72
CA LYS A 590 29.58 8.60 14.95
C LYS A 590 28.18 8.69 14.31
N TYR A 591 27.92 7.87 13.29
CA TYR A 591 26.68 8.00 12.56
C TYR A 591 26.00 6.65 12.24
N GLY A 592 26.49 5.56 12.84
CA GLY A 592 25.94 4.25 12.57
C GLY A 592 24.56 4.00 13.10
N MET A 593 24.10 4.87 13.99
CA MET A 593 22.84 4.63 14.65
C MET A 593 21.72 5.18 13.80
N ARG A 594 22.04 5.85 12.71
CA ARG A 594 21.07 6.42 11.83
C ARG A 594 20.79 5.50 10.67
N CYS A 595 19.73 5.75 9.95
CA CYS A 595 19.35 4.97 8.82
C CYS A 595 18.24 5.69 8.21
N ALA A 596 17.74 5.25 7.08
CA ALA A 596 16.64 5.95 6.43
C ALA A 596 15.37 5.91 7.22
N GLY A 597 15.10 4.81 7.84
CA GLY A 597 13.90 4.64 8.62
C GLY A 597 14.11 4.62 10.10
N GLU A 598 14.95 5.50 10.58
CA GLU A 598 15.33 5.59 11.97
C GLU A 598 14.31 5.87 13.02
N ILE A 599 13.22 6.51 12.68
CA ILE A 599 12.19 6.79 13.65
C ILE A 599 11.62 5.49 14.11
N ASP A 600 11.66 4.48 13.28
CA ASP A 600 11.20 3.19 13.68
C ASP A 600 12.40 2.50 14.28
N LEU A 601 12.29 2.12 15.52
CA LEU A 601 13.40 1.53 16.22
C LEU A 601 13.66 0.10 15.72
N THR A 602 12.71 -0.49 14.99
CA THR A 602 12.92 -1.84 14.49
C THR A 602 13.58 -1.92 13.11
N LYS A 603 13.88 -0.81 12.45
CA LYS A 603 14.52 -0.91 11.13
C LYS A 603 16.04 -0.99 11.27
N THR A 604 16.72 -1.50 10.26
CA THR A 604 18.15 -1.79 10.39
C THR A 604 19.04 -0.57 10.26
N ARG A 605 19.77 -0.27 11.32
CA ARG A 605 20.71 0.85 11.32
C ARG A 605 21.95 0.54 10.48
N TRP A 606 22.56 1.58 9.87
CA TRP A 606 23.76 1.38 9.06
C TRP A 606 24.71 0.44 9.79
N ILE A 607 25.17 0.80 10.98
CA ILE A 607 26.12 -0.09 11.68
C ILE A 607 25.66 -1.55 11.88
N GLU A 608 24.35 -1.80 11.86
CA GLU A 608 23.86 -3.17 11.97
C GLU A 608 24.17 -4.00 10.72
N ASN A 609 24.07 -3.38 9.55
CA ASN A 609 24.40 -4.03 8.28
C ASN A 609 24.99 -2.77 7.61
N PRO A 610 26.28 -2.83 7.24
CA PRO A 610 26.87 -1.72 6.50
C PRO A 610 26.47 -1.72 5.03
N LEU A 611 26.12 -2.90 4.53
CA LEU A 611 25.82 -3.09 3.12
C LEU A 611 24.85 -2.04 2.62
N THR A 612 24.04 -1.52 3.54
CA THR A 612 23.00 -0.57 3.23
C THR A 612 23.55 0.85 3.10
N LEU A 613 24.83 0.99 3.44
CA LEU A 613 25.51 2.27 3.42
C LEU A 613 26.28 2.46 2.12
N ILE A 614 26.61 1.33 1.50
CA ILE A 614 27.38 1.32 0.26
C ILE A 614 26.75 2.10 -0.91
N PRO A 615 25.47 1.80 -1.24
CA PRO A 615 24.95 2.49 -2.41
C PRO A 615 25.01 4.02 -2.31
N LEU A 616 25.05 4.57 -1.11
CA LEU A 616 25.21 6.02 -0.96
C LEU A 616 26.65 6.40 -1.35
N ILE A 617 27.62 5.65 -0.82
CA ILE A 617 29.03 5.88 -1.16
C ILE A 617 29.33 5.80 -2.66
N LEU A 618 28.93 4.72 -3.32
CA LEU A 618 29.19 4.59 -4.77
C LEU A 618 28.52 5.70 -5.53
N SER A 619 27.33 6.08 -5.11
CA SER A 619 26.60 7.17 -5.73
C SER A 619 27.24 8.51 -5.39
N ASN A 620 28.03 8.54 -4.31
CA ASN A 620 28.82 9.71 -3.96
C ASN A 620 30.04 9.80 -4.84
N ILE A 621 30.71 8.68 -5.09
CA ILE A 621 31.94 8.78 -5.86
C ILE A 621 31.61 8.91 -7.36
N LYS A 622 30.63 8.17 -7.86
CA LYS A 622 30.04 8.54 -9.17
C LYS A 622 29.30 9.84 -8.92
N ASN A 623 29.51 10.85 -9.76
CA ASN A 623 28.79 12.16 -9.73
C ASN A 623 29.04 13.14 -8.55
N PHE A 624 30.04 12.91 -7.71
CA PHE A 624 30.62 14.00 -6.92
C PHE A 624 32.10 14.04 -7.13
N ASP A 625 32.63 15.24 -7.31
CA ASP A 625 34.05 15.36 -7.52
C ASP A 625 34.83 15.10 -6.25
N SER A 626 36.14 14.99 -6.39
CA SER A 626 36.98 14.71 -5.26
C SER A 626 37.01 15.93 -4.43
N SER A 627 37.11 15.75 -3.11
CA SER A 627 37.36 16.83 -2.14
C SER A 627 36.17 17.73 -1.76
N ALA A 628 35.01 17.48 -2.33
CA ALA A 628 33.86 18.38 -2.18
C ALA A 628 33.37 18.59 -0.73
N SER A 629 34.04 17.99 0.26
CA SER A 629 33.69 18.26 1.66
C SER A 629 34.04 19.70 2.04
N MET A 630 35.28 20.10 1.75
CA MET A 630 35.72 21.50 1.93
C MET A 630 35.02 22.42 0.93
N HIS A 631 35.10 22.08 -0.35
CA HIS A 631 34.55 22.88 -1.46
C HIS A 631 33.07 23.28 -1.32
N LYS A 632 32.17 22.30 -1.23
CA LYS A 632 30.75 22.57 -1.05
C LYS A 632 30.53 23.50 0.13
N PHE A 633 30.98 23.05 1.30
CA PHE A 633 30.76 23.77 2.54
C PHE A 633 31.34 25.18 2.54
N ALA A 634 32.46 25.38 1.84
CA ALA A 634 33.09 26.70 1.76
C ALA A 634 32.24 27.66 0.95
N GLN A 635 32.04 27.34 -0.33
CA GLN A 635 31.26 28.20 -1.21
C GLN A 635 29.82 28.23 -0.71
N GLY A 636 29.52 27.32 0.20
CA GLY A 636 28.38 27.44 1.07
C GLY A 636 28.33 28.77 1.78
N GLU A 637 29.20 29.00 2.77
CA GLU A 637 29.13 30.25 3.53
C GLU A 637 29.59 31.45 2.72
N LYS A 638 30.43 31.22 1.72
CA LYS A 638 30.82 32.32 0.85
C LYS A 638 29.55 32.89 0.22
N GLU A 639 28.62 32.02 -0.13
CA GLU A 639 27.38 32.50 -0.72
C GLU A 639 26.41 33.05 0.35
N ALA A 640 26.42 32.48 1.55
CA ALA A 640 25.55 32.98 2.61
C ALA A 640 25.93 34.40 3.00
N PHE A 641 27.21 34.65 3.19
CA PHE A 641 27.62 35.95 3.67
C PHE A 641 27.37 37.02 2.61
N HIS A 642 27.54 36.66 1.33
CA HIS A 642 27.36 37.64 0.26
C HIS A 642 25.90 37.83 -0.11
N LYS A 643 25.02 37.05 0.48
CA LYS A 643 23.61 37.30 0.33
C LYS A 643 23.25 38.25 1.43
N GLU A 644 23.86 38.05 2.58
CA GLU A 644 23.75 38.98 3.70
C GLU A 644 24.26 40.40 3.35
N GLN A 645 25.25 40.48 2.47
CA GLN A 645 25.80 41.78 2.11
C GLN A 645 24.93 42.52 1.11
N GLU A 646 24.34 41.77 0.18
CA GLU A 646 23.43 42.36 -0.80
C GLU A 646 22.14 42.80 -0.12
N ILE A 647 21.64 41.97 0.78
CA ILE A 647 20.37 42.27 1.44
C ILE A 647 20.47 43.52 2.28
N LEU A 648 21.52 43.61 3.09
CA LEU A 648 21.71 44.73 4.04
C LEU A 648 22.02 46.06 3.35
N ARG A 649 22.77 45.99 2.27
CA ARG A 649 23.07 47.16 1.46
C ARG A 649 21.82 47.61 0.73
N ARG A 650 21.11 46.68 0.10
CA ARG A 650 19.87 47.00 -0.60
C ARG A 650 18.81 47.59 0.34
N LEU A 651 18.87 47.20 1.61
CA LEU A 651 17.85 47.59 2.59
C LEU A 651 18.01 49.00 3.10
N GLN A 652 19.26 49.45 3.17
CA GLN A 652 19.57 50.79 3.66
C GLN A 652 19.23 51.83 2.59
N GLU A 653 19.07 51.39 1.35
CA GLU A 653 18.60 52.25 0.26
C GLU A 653 17.08 52.33 0.24
N LEU A 654 16.47 52.42 1.42
CA LEU A 654 15.01 52.33 1.58
C LEU A 654 14.51 53.19 2.75
N PRO A 655 13.18 53.42 2.84
CA PRO A 655 12.65 54.20 3.96
C PRO A 655 12.82 53.50 5.29
N ASP A 656 13.33 54.22 6.30
CA ASP A 656 13.66 53.66 7.61
C ASP A 656 14.62 52.50 7.39
N GLY A 657 15.39 52.60 6.30
CA GLY A 657 16.22 51.52 5.81
C GLY A 657 17.40 51.16 6.68
N GLU A 658 17.91 52.13 7.42
CA GLU A 658 19.09 51.87 8.24
C GLU A 658 18.72 51.04 9.47
N GLN A 659 17.46 51.11 9.89
CA GLN A 659 17.03 50.41 11.10
C GLN A 659 16.38 49.06 10.86
N LYS A 660 15.71 48.92 9.72
CA LYS A 660 15.25 47.61 9.35
C LYS A 660 16.48 46.73 9.07
N ALA A 661 17.42 47.27 8.30
CA ALA A 661 18.66 46.57 8.00
C ALA A 661 19.33 46.04 9.27
N MET A 662 19.37 46.84 10.32
CA MET A 662 19.97 46.37 11.55
C MET A 662 19.04 45.35 12.23
N GLU A 663 17.72 45.48 12.06
CA GLU A 663 16.81 44.48 12.60
C GLU A 663 17.10 43.12 11.92
N THR A 664 17.36 43.12 10.62
CA THR A 664 17.52 41.84 9.93
C THR A 664 18.85 41.18 10.31
N LYS A 665 19.91 41.98 10.38
CA LYS A 665 21.22 41.50 10.87
C LYS A 665 21.10 40.88 12.27
N GLU A 666 20.25 41.43 13.13
CA GLU A 666 19.95 40.79 14.40
C GLU A 666 19.39 39.41 14.14
N LYS A 667 18.57 39.29 13.10
CA LYS A 667 17.86 38.04 12.87
C LYS A 667 18.74 37.01 12.18
N ILE A 668 19.58 37.46 11.25
CA ILE A 668 20.48 36.55 10.50
C ILE A 668 21.47 35.90 11.43
N ASP A 669 21.93 36.64 12.44
CA ASP A 669 22.84 36.10 13.45
C ASP A 669 22.14 35.02 14.29
N ILE A 670 20.92 35.32 14.70
CA ILE A 670 20.09 34.39 15.44
C ILE A 670 19.91 33.11 14.63
N LEU A 671 19.69 33.31 13.33
CA LEU A 671 19.48 32.23 12.38
C LEU A 671 20.66 31.24 12.35
N ARG A 672 21.88 31.74 12.19
CA ARG A 672 23.01 30.88 11.95
C ARG A 672 23.47 30.17 13.23
N HIS A 673 23.34 30.85 14.36
CA HIS A 673 23.62 30.30 15.67
C HIS A 673 22.69 29.13 16.01
N PHE A 674 21.45 29.15 15.53
CA PHE A 674 20.44 28.22 16.02
C PHE A 674 19.90 27.23 14.98
N ILE A 675 19.94 27.62 13.70
CA ILE A 675 19.29 26.86 12.63
C ILE A 675 19.77 25.44 12.57
N GLY A 676 20.97 25.21 13.11
CA GLY A 676 21.60 23.91 13.05
C GLY A 676 21.21 23.05 14.23
N TYR A 677 20.95 23.68 15.37
CA TYR A 677 20.57 22.90 16.52
C TYR A 677 19.26 22.20 16.29
N ARG A 678 18.48 22.65 15.31
CA ARG A 678 17.12 22.13 15.17
C ARG A 678 17.17 20.66 14.84
N GLU A 679 18.30 20.28 14.28
CA GLU A 679 18.48 18.95 13.76
C GLU A 679 19.01 17.98 14.82
N TYR A 680 19.38 18.50 15.99
CA TYR A 680 20.12 17.67 16.95
C TYR A 680 19.26 16.80 17.90
N PRO A 681 18.15 17.31 18.47
CA PRO A 681 17.33 16.45 19.36
C PRO A 681 16.91 15.12 18.75
N LYS A 682 16.53 15.10 17.48
CA LYS A 682 16.24 13.85 16.79
C LYS A 682 17.43 12.91 16.85
N TYR A 683 18.60 13.45 16.51
CA TYR A 683 19.81 12.67 16.55
C TYR A 683 20.00 12.05 17.94
N GLY A 684 20.01 12.88 18.98
CA GLY A 684 20.18 12.40 20.34
C GLY A 684 19.16 11.37 20.78
N MET A 685 17.89 11.59 20.45
CA MET A 685 16.87 10.60 20.74
C MET A 685 17.15 9.29 20.00
N ILE A 686 17.45 9.40 18.70
CA ILE A 686 17.85 8.25 17.89
C ILE A 686 19.01 7.45 18.51
N ASN A 687 20.07 8.13 18.94
CA ASN A 687 21.11 7.48 19.77
C ASN A 687 20.53 6.62 20.89
N ARG A 688 19.61 7.18 21.66
CA ARG A 688 19.08 6.44 22.77
C ARG A 688 18.24 5.31 22.22
N TYR A 689 17.44 5.55 21.17
CA TYR A 689 16.71 4.44 20.53
C TYR A 689 17.57 3.22 20.20
N PHE A 690 18.78 3.44 19.68
CA PHE A 690 19.60 2.31 19.25
C PHE A 690 20.03 1.51 20.46
N ILE A 691 20.50 2.21 21.50
CA ILE A 691 20.95 1.57 22.74
C ILE A 691 19.83 0.76 23.38
N TYR A 692 18.61 1.26 23.30
CA TYR A 692 17.51 0.43 23.76
C TYR A 692 17.44 -0.79 22.88
N LYS A 693 17.52 -0.58 21.57
CA LYS A 693 17.31 -1.66 20.60
C LYS A 693 18.20 -2.88 20.87
N LEU A 694 19.51 -2.64 21.00
CA LEU A 694 20.46 -3.70 21.27
C LEU A 694 20.12 -4.47 22.55
N ALA A 695 19.87 -3.72 23.62
CA ALA A 695 19.44 -4.32 24.87
C ALA A 695 18.29 -5.29 24.61
N LEU A 696 17.25 -4.78 23.98
CA LEU A 696 16.05 -5.56 23.76
C LEU A 696 16.27 -6.79 22.89
N LEU A 697 17.35 -6.76 22.12
CA LEU A 697 17.60 -7.83 21.18
C LEU A 697 18.30 -8.95 21.95
N ARG A 698 19.18 -8.54 22.85
CA ARG A 698 19.71 -9.42 23.88
C ARG A 698 18.57 -10.12 24.64
N ALA A 699 17.65 -9.33 25.17
CA ALA A 699 16.47 -9.89 25.80
C ALA A 699 15.76 -10.85 24.86
N GLY A 700 15.71 -10.46 23.59
CA GLY A 700 15.05 -11.27 22.59
C GLY A 700 15.76 -12.58 22.35
N GLU A 701 17.11 -12.53 22.30
CA GLU A 701 17.90 -13.72 21.99
C GLU A 701 17.88 -14.63 23.21
N GLN A 702 17.99 -14.01 24.40
CA GLN A 702 17.79 -14.68 25.69
C GLN A 702 16.45 -15.42 25.75
N LEU A 703 15.40 -14.75 25.28
CA LEU A 703 14.08 -15.36 25.25
C LEU A 703 13.96 -16.54 24.26
N VAL A 704 14.94 -16.72 23.38
CA VAL A 704 14.79 -17.80 22.39
C VAL A 704 15.49 -19.06 22.86
N LYS A 705 16.63 -18.89 23.52
CA LYS A 705 17.33 -19.99 24.17
C LYS A 705 16.71 -20.26 25.56
N ASP A 706 15.58 -19.63 25.85
CA ASP A 706 14.69 -20.03 26.94
C ASP A 706 13.43 -20.65 26.32
N GLY A 707 13.36 -20.61 24.99
CA GLY A 707 12.32 -21.28 24.25
C GLY A 707 10.93 -20.67 24.29
N ILE A 708 10.84 -19.36 24.48
CA ILE A 708 9.52 -18.75 24.48
C ILE A 708 9.19 -18.14 23.10
N LEU A 709 10.21 -17.66 22.40
CA LEU A 709 10.04 -17.21 21.03
C LEU A 709 10.73 -18.13 20.05
N GLN A 710 10.24 -18.15 18.80
CA GLN A 710 10.89 -18.86 17.69
C GLN A 710 12.17 -18.14 17.23
N GLU A 711 12.01 -16.97 16.64
CA GLU A 711 13.16 -16.16 16.24
C GLU A 711 13.17 -14.90 17.09
N HIS A 712 14.35 -14.47 17.53
CA HIS A 712 14.38 -13.35 18.45
C HIS A 712 13.73 -12.11 17.87
N GLU A 713 13.90 -11.83 16.58
CA GLU A 713 13.29 -10.63 15.99
C GLU A 713 11.76 -10.59 16.14
N ASP A 714 11.17 -11.69 16.63
CA ASP A 714 9.71 -11.71 16.79
C ASP A 714 9.23 -10.63 17.77
N ILE A 715 10.11 -10.14 18.66
CA ILE A 715 9.79 -9.06 19.59
C ILE A 715 9.30 -7.78 18.89
N TYR A 716 9.78 -7.53 17.69
CA TYR A 716 9.35 -6.36 16.92
C TYR A 716 7.82 -6.29 16.78
N PHE A 717 7.09 -7.39 16.98
CA PHE A 717 5.67 -7.35 16.68
C PHE A 717 4.80 -7.22 17.93
N LEU A 718 5.45 -6.87 19.03
CA LEU A 718 4.76 -6.53 20.28
C LEU A 718 5.01 -5.08 20.70
N TYR A 719 3.96 -4.35 21.11
CA TYR A 719 4.17 -3.03 21.70
C TYR A 719 4.95 -3.21 23.00
N PHE A 720 5.59 -2.13 23.45
CA PHE A 720 6.55 -2.20 24.57
C PHE A 720 6.09 -2.91 25.84
N GLU A 721 4.87 -2.61 26.26
CA GLU A 721 4.27 -3.21 27.46
C GLU A 721 3.97 -4.70 27.27
N GLU A 722 3.31 -5.06 26.18
CA GLU A 722 3.12 -6.48 25.82
C GLU A 722 4.41 -7.26 25.90
N LEU A 723 5.50 -6.67 25.40
CA LEU A 723 6.78 -7.35 25.44
C LEU A 723 7.26 -7.42 26.88
N ARG A 724 6.90 -6.42 27.67
CA ARG A 724 7.35 -6.37 29.06
C ARG A 724 6.70 -7.46 29.91
N GLU A 725 5.43 -7.73 29.63
CA GLU A 725 4.76 -8.89 30.20
C GLU A 725 5.59 -10.14 29.94
N VAL A 726 5.78 -10.43 28.65
CA VAL A 726 6.50 -11.60 28.19
C VAL A 726 7.77 -11.87 28.98
N VAL A 727 8.59 -10.86 29.21
CA VAL A 727 9.80 -11.12 30.00
C VAL A 727 9.49 -11.41 31.49
N ARG A 728 8.40 -10.88 32.03
CA ARG A 728 8.03 -11.14 33.41
C ARG A 728 7.34 -12.49 33.52
N THR A 729 6.17 -12.59 32.90
CA THR A 729 5.48 -13.86 32.72
C THR A 729 5.99 -14.58 31.44
N GLY A 730 6.59 -15.76 31.58
CA GLY A 730 6.99 -16.53 30.41
C GLY A 730 5.56 -16.82 29.97
N GLN A 731 5.03 -16.00 29.07
CA GLN A 731 3.86 -16.25 28.24
C GLN A 731 3.83 -15.42 26.97
N VAL A 732 3.61 -16.06 25.84
CA VAL A 732 3.39 -15.33 24.59
C VAL A 732 2.19 -15.89 23.84
N ASP A 733 1.41 -15.00 23.23
CA ASP A 733 0.32 -15.40 22.37
C ASP A 733 0.67 -15.19 20.91
N TYR A 734 1.10 -16.23 20.23
CA TYR A 734 1.49 -16.13 18.82
C TYR A 734 0.34 -15.99 17.82
N GLU A 735 -0.90 -16.21 18.26
CA GLU A 735 -2.05 -15.85 17.42
C GLU A 735 -1.92 -14.37 17.15
N LEU A 736 -1.57 -13.66 18.22
CA LEU A 736 -1.40 -12.22 18.20
C LEU A 736 -0.22 -11.76 17.33
N ILE A 737 0.96 -12.34 17.58
CA ILE A 737 2.16 -12.00 16.84
C ILE A 737 1.96 -12.23 15.35
N ASN A 738 1.48 -13.41 15.02
CA ASN A 738 1.24 -13.74 13.61
C ASN A 738 0.14 -12.89 12.95
N ALA A 739 -0.85 -12.43 13.71
CA ALA A 739 -1.82 -11.51 13.13
C ALA A 739 -1.16 -10.16 12.91
N ARG A 740 -0.24 -9.80 13.78
CA ARG A 740 0.42 -8.52 13.64
C ARG A 740 1.27 -8.62 12.37
N LYS A 741 2.00 -9.73 12.21
CA LYS A 741 2.79 -10.00 10.98
C LYS A 741 1.90 -10.03 9.73
N ARG A 742 0.79 -10.73 9.84
CA ARG A 742 -0.21 -10.71 8.79
C ARG A 742 -0.50 -9.26 8.47
N ASP A 743 -0.98 -8.51 9.47
CA ASP A 743 -1.39 -7.12 9.25
C ASP A 743 -0.27 -6.26 8.64
N PHE A 744 0.96 -6.39 9.15
CA PHE A 744 2.09 -5.59 8.65
C PHE A 744 2.33 -5.79 7.18
N ALA A 745 2.15 -7.03 6.73
CA ALA A 745 2.28 -7.33 5.31
C ALA A 745 1.30 -6.48 4.52
N THR A 746 0.05 -6.48 4.92
CA THR A 746 -0.92 -5.75 4.12
C THR A 746 -0.59 -4.25 4.14
N PHE A 747 0.04 -3.77 5.20
CA PHE A 747 0.31 -2.33 5.36
C PHE A 747 1.35 -1.86 4.37
N GLU A 748 2.31 -2.75 4.08
CA GLU A 748 3.39 -2.40 3.17
C GLU A 748 2.86 -2.11 1.78
N LYS A 749 1.78 -2.81 1.41
CA LYS A 749 1.12 -2.60 0.13
C LYS A 749 0.36 -1.29 0.13
N LEU A 750 0.21 -0.67 1.30
CA LEU A 750 -0.47 0.63 1.38
C LEU A 750 0.49 1.84 1.40
N THR A 751 -0.11 3.01 1.21
CA THR A 751 0.59 4.26 1.22
C THR A 751 -0.29 5.29 1.89
N PRO A 752 0.15 5.81 3.03
CA PRO A 752 -0.55 6.82 3.83
C PRO A 752 -0.86 8.05 3.06
N PRO A 753 -2.08 8.57 3.20
CA PRO A 753 -2.39 9.87 2.60
C PRO A 753 -1.63 10.98 3.33
N ARG A 754 -1.41 12.09 2.66
CA ARG A 754 -0.88 13.26 3.31
C ARG A 754 -1.85 13.69 4.41
N ILE A 755 -3.15 13.66 4.14
CA ILE A 755 -4.13 13.85 5.21
C ILE A 755 -5.24 12.82 5.02
N LEU A 756 -5.78 12.32 6.13
CA LEU A 756 -6.71 11.18 6.14
C LEU A 756 -7.95 11.58 6.91
N THR A 757 -9.09 11.04 6.51
CA THR A 757 -10.35 11.60 6.94
C THR A 757 -11.13 10.60 7.79
N SER A 758 -12.03 11.04 8.65
CA SER A 758 -12.75 10.08 9.50
C SER A 758 -13.65 9.18 8.67
N ASP A 759 -13.99 9.63 7.47
CA ASP A 759 -14.71 8.81 6.50
C ASP A 759 -13.76 8.01 5.59
N GLY A 760 -12.46 8.08 5.84
CA GLY A 760 -11.48 7.26 5.14
C GLY A 760 -10.88 7.87 3.90
N GLU A 761 -11.37 9.06 3.56
CA GLU A 761 -11.03 9.72 2.31
C GLU A 761 -9.53 10.01 2.26
N MET A 762 -8.92 9.71 1.13
CA MET A 762 -7.48 9.88 0.96
C MET A 762 -7.16 11.15 0.22
N ILE A 763 -6.76 12.17 0.94
CA ILE A 763 -6.43 13.47 0.35
C ILE A 763 -4.94 13.74 0.30
N ASN A 764 -4.27 13.34 -0.79
CA ASN A 764 -2.86 13.72 -0.99
C ASN A 764 -2.79 15.02 -1.79
N GLY A 765 -1.58 15.45 -2.12
CA GLY A 765 -1.38 16.76 -2.71
C GLY A 765 -2.27 17.07 -3.91
N ALA A 776 -8.66 17.06 -27.57
CA ALA A 776 -8.67 16.38 -26.27
C ALA A 776 -9.64 15.21 -26.25
N ILE A 777 -9.13 13.98 -26.34
CA ILE A 777 -10.00 12.78 -26.31
C ILE A 777 -10.51 12.45 -24.91
N LEU A 778 -11.82 12.45 -24.73
CA LEU A 778 -12.45 12.30 -23.42
C LEU A 778 -12.74 10.86 -22.96
N GLY A 779 -12.75 10.67 -21.64
CA GLY A 779 -13.05 9.40 -21.03
C GLY A 779 -13.22 9.47 -19.53
N LEU A 780 -13.21 8.32 -18.87
CA LEU A 780 -13.50 8.23 -17.44
C LEU A 780 -12.24 8.07 -16.63
N PRO A 781 -11.98 9.03 -15.72
CA PRO A 781 -10.83 8.93 -14.83
C PRO A 781 -11.12 7.86 -13.80
N VAL A 782 -10.12 7.08 -13.47
CA VAL A 782 -10.42 5.88 -12.72
C VAL A 782 -9.26 5.60 -11.76
N SER A 783 -8.10 6.07 -12.16
CA SER A 783 -6.90 5.93 -11.37
C SER A 783 -6.05 7.17 -11.60
N SER A 784 -5.95 7.99 -10.54
CA SER A 784 -5.23 9.25 -10.52
C SER A 784 -3.78 9.19 -11.01
N GLY A 785 -3.34 10.27 -11.66
CA GLY A 785 -1.98 10.34 -12.19
C GLY A 785 -1.91 11.04 -13.52
N THR A 786 -0.69 11.21 -14.04
CA THR A 786 -0.44 11.75 -15.38
C THR A 786 0.91 11.26 -15.91
N VAL A 787 0.92 10.78 -17.14
CA VAL A 787 2.08 10.06 -17.62
C VAL A 787 2.14 10.15 -19.14
N GLU A 788 3.35 10.05 -19.65
CA GLU A 788 3.60 10.33 -21.04
C GLU A 788 4.32 9.16 -21.66
N GLY A 789 3.78 8.59 -22.72
CA GLY A 789 4.38 7.38 -23.23
C GLY A 789 4.01 7.00 -24.64
N ARG A 790 4.48 5.82 -25.03
CA ARG A 790 4.24 5.28 -26.35
C ARG A 790 2.95 4.44 -26.33
N ALA A 791 2.05 4.73 -27.25
CA ALA A 791 0.79 4.01 -27.30
C ALA A 791 1.00 2.66 -27.94
N ARG A 792 0.59 1.61 -27.24
CA ARG A 792 0.66 0.28 -27.81
C ARG A 792 -0.74 -0.28 -27.85
N VAL A 793 -1.29 -0.36 -29.06
CA VAL A 793 -2.65 -0.85 -29.28
C VAL A 793 -2.61 -2.34 -29.57
N ILE A 794 -3.16 -3.11 -28.64
CA ILE A 794 -2.99 -4.55 -28.68
C ILE A 794 -4.34 -5.19 -28.44
N LEU A 795 -4.65 -6.23 -29.20
CA LEU A 795 -5.93 -6.91 -29.04
C LEU A 795 -5.80 -8.32 -28.43
N GLU A 796 -4.66 -8.97 -28.62
CA GLU A 796 -4.41 -10.27 -28.01
C GLU A 796 -3.28 -10.18 -27.00
N MET A 797 -3.38 -10.90 -25.89
CA MET A 797 -2.29 -11.01 -24.94
C MET A 797 -1.02 -11.55 -25.60
N GLU A 798 -1.17 -12.64 -26.35
CA GLU A 798 -0.05 -13.37 -26.92
C GLU A 798 0.81 -12.55 -27.91
N LYS A 799 0.20 -11.72 -28.74
CA LYS A 799 0.96 -10.87 -29.67
C LYS A 799 1.82 -9.82 -28.95
N ALA A 800 1.36 -9.40 -27.77
CA ALA A 800 1.95 -8.28 -27.03
C ALA A 800 3.46 -8.33 -26.90
N ASP A 801 4.06 -7.14 -26.90
CA ASP A 801 5.49 -6.96 -26.74
C ASP A 801 5.19 -5.68 -26.00
N LEU A 802 5.70 -5.60 -24.77
CA LEU A 802 5.62 -4.36 -24.03
C LEU A 802 6.96 -3.99 -23.43
N GLU A 803 7.33 -2.72 -23.60
CA GLU A 803 8.58 -2.21 -23.07
C GLU A 803 8.31 -1.18 -22.00
N ASP A 804 9.37 -0.75 -21.32
CA ASP A 804 9.26 0.15 -20.17
C ASP A 804 8.57 1.49 -20.49
N GLY A 805 8.48 1.85 -21.76
CA GLY A 805 7.81 3.08 -22.13
C GLY A 805 6.30 2.98 -22.26
N ASP A 806 5.82 1.80 -22.66
CA ASP A 806 4.47 1.64 -23.23
C ASP A 806 3.23 1.93 -22.34
N ILE A 807 2.30 2.71 -22.90
CA ILE A 807 0.92 2.84 -22.37
C ILE A 807 -0.03 1.93 -23.16
N LEU A 808 -0.69 0.99 -22.49
CA LEU A 808 -1.54 0.01 -23.16
C LEU A 808 -2.91 0.61 -23.53
N VAL A 809 -3.32 0.37 -24.77
CA VAL A 809 -4.65 0.76 -25.20
C VAL A 809 -5.37 -0.44 -25.81
N THR A 810 -6.51 -0.79 -25.25
CA THR A 810 -7.16 -2.00 -25.69
C THR A 810 -8.67 -1.95 -25.49
N ALA A 811 -9.37 -2.95 -26.02
CA ALA A 811 -10.80 -2.91 -25.98
C ALA A 811 -11.24 -3.07 -24.54
N TYR A 812 -10.89 -4.20 -23.95
CA TYR A 812 -11.29 -4.49 -22.58
C TYR A 812 -10.17 -5.21 -21.87
N THR A 813 -10.38 -5.56 -20.60
CA THR A 813 -9.33 -6.21 -19.81
C THR A 813 -9.86 -7.31 -18.89
N ASP A 814 -9.21 -8.48 -18.97
CA ASP A 814 -9.47 -9.67 -18.16
C ASP A 814 -8.61 -9.76 -16.92
N PRO A 815 -8.99 -10.65 -16.00
CA PRO A 815 -7.94 -11.06 -15.07
C PRO A 815 -6.89 -11.92 -15.78
N SER A 816 -7.17 -12.28 -17.03
CA SER A 816 -6.20 -12.89 -17.94
C SER A 816 -5.12 -11.89 -18.29
N TRP A 817 -5.45 -10.62 -18.20
CA TRP A 817 -4.58 -9.56 -18.68
C TRP A 817 -3.67 -9.04 -17.60
N THR A 818 -3.93 -9.42 -16.35
CA THR A 818 -3.17 -8.87 -15.21
C THR A 818 -1.63 -9.03 -15.30
N PRO A 819 -1.13 -10.21 -15.75
CA PRO A 819 0.29 -10.39 -16.01
C PRO A 819 1.02 -9.20 -16.66
N ALA A 820 0.31 -8.37 -17.40
CA ALA A 820 1.00 -7.37 -18.22
C ALA A 820 1.03 -5.98 -17.61
N PHE A 821 0.55 -5.80 -16.39
CA PHE A 821 0.51 -4.48 -15.73
C PHE A 821 1.83 -4.03 -15.07
N VAL A 822 2.79 -4.95 -14.93
CA VAL A 822 4.11 -4.58 -14.38
C VAL A 822 4.88 -3.69 -15.35
N SER A 823 4.72 -4.00 -16.64
CA SER A 823 5.42 -3.34 -17.72
C SER A 823 4.97 -1.89 -18.03
N ILE A 824 3.67 -1.68 -18.14
CA ILE A 824 3.12 -0.44 -18.68
C ILE A 824 3.14 0.74 -17.70
N LYS A 825 2.83 1.94 -18.21
CA LYS A 825 2.80 3.14 -17.37
C LYS A 825 1.44 3.82 -17.26
N GLY A 826 0.56 3.50 -18.20
CA GLY A 826 -0.83 3.95 -18.14
C GLY A 826 -1.73 2.90 -18.77
N LEU A 827 -3.03 3.01 -18.51
CA LEU A 827 -4.01 2.15 -19.18
C LEU A 827 -5.07 2.99 -19.85
N VAL A 828 -5.41 2.61 -21.07
CA VAL A 828 -6.58 3.18 -21.70
C VAL A 828 -7.44 2.06 -22.19
N THR A 829 -8.75 2.10 -21.96
CA THR A 829 -9.61 1.07 -22.53
C THR A 829 -10.91 1.62 -23.05
N GLU A 830 -11.52 0.82 -23.93
CA GLU A 830 -12.85 1.11 -24.44
C GLU A 830 -13.88 0.81 -23.35
N VAL A 831 -13.82 -0.37 -22.74
CA VAL A 831 -14.75 -0.69 -21.66
C VAL A 831 -14.50 0.33 -20.54
N GLY A 832 -15.50 0.56 -19.71
CA GLY A 832 -15.45 1.64 -18.76
C GLY A 832 -16.35 1.32 -17.61
N GLY A 833 -16.27 2.17 -16.59
CA GLY A 833 -16.91 1.92 -15.32
C GLY A 833 -15.85 2.20 -14.28
N LEU A 834 -16.27 2.62 -13.09
CA LEU A 834 -15.31 2.93 -12.04
C LEU A 834 -14.56 1.70 -11.60
N MET A 835 -15.21 0.55 -11.61
CA MET A 835 -14.61 -0.64 -11.04
C MET A 835 -14.40 -1.73 -12.06
N THR A 836 -14.01 -1.32 -13.28
CA THR A 836 -13.57 -2.17 -14.39
C THR A 836 -12.43 -3.03 -13.90
N HIS A 837 -12.09 -4.12 -14.57
CA HIS A 837 -10.93 -4.87 -14.09
C HIS A 837 -9.70 -4.01 -14.15
N GLY A 838 -9.42 -3.50 -15.35
CA GLY A 838 -8.26 -2.68 -15.56
C GLY A 838 -8.33 -1.37 -14.80
N ALA A 839 -9.47 -1.08 -14.21
CA ALA A 839 -9.63 0.12 -13.44
C ALA A 839 -9.12 -0.12 -12.04
N VAL A 840 -9.42 -1.28 -11.45
CA VAL A 840 -8.92 -1.52 -10.10
C VAL A 840 -7.46 -1.97 -10.10
N ILE A 841 -6.99 -2.63 -11.16
CA ILE A 841 -5.62 -3.08 -11.15
C ILE A 841 -4.71 -1.90 -11.39
N ALA A 842 -5.08 -1.09 -12.39
CA ALA A 842 -4.40 0.19 -12.62
C ALA A 842 -4.20 0.96 -11.32
N ARG A 843 -5.27 1.01 -10.55
CA ARG A 843 -5.28 1.74 -9.30
C ARG A 843 -4.24 1.22 -8.34
N GLU A 844 -4.22 -0.10 -8.17
CA GLU A 844 -3.35 -0.74 -7.18
C GLU A 844 -1.89 -0.58 -7.54
N TYR A 845 -1.54 -0.86 -8.79
CA TYR A 845 -0.21 -0.56 -9.29
C TYR A 845 0.18 0.93 -9.20
N GLY A 846 -0.80 1.81 -9.20
CA GLY A 846 -0.54 3.24 -9.15
C GLY A 846 -0.37 3.87 -10.52
N LEU A 847 -0.81 3.18 -11.58
CA LEU A 847 -0.71 3.70 -12.95
C LEU A 847 -1.91 4.56 -13.27
N PRO A 848 -1.69 5.63 -14.04
CA PRO A 848 -2.88 6.43 -14.36
C PRO A 848 -3.72 5.73 -15.43
N ALA A 849 -5.03 5.78 -15.28
CA ALA A 849 -5.93 5.09 -16.20
C ALA A 849 -7.16 5.89 -16.59
N VAL A 850 -7.47 5.86 -17.89
CA VAL A 850 -8.70 6.43 -18.41
C VAL A 850 -9.45 5.34 -19.14
N VAL A 851 -10.67 5.07 -18.71
CA VAL A 851 -11.46 4.04 -19.35
C VAL A 851 -12.65 4.64 -20.09
N GLY A 852 -13.36 3.79 -20.82
CA GLY A 852 -14.61 4.18 -21.43
C GLY A 852 -14.40 5.14 -22.56
N VAL A 853 -13.32 5.00 -23.31
CA VAL A 853 -13.17 5.82 -24.48
C VAL A 853 -13.60 5.00 -25.72
N GLU A 854 -14.78 5.34 -26.25
CA GLU A 854 -15.53 4.58 -27.27
C GLU A 854 -14.75 3.83 -28.38
N ASN A 855 -13.83 4.48 -29.07
CA ASN A 855 -13.23 3.84 -30.23
C ASN A 855 -11.74 3.61 -30.17
N ALA A 856 -11.25 3.58 -28.94
CA ALA A 856 -9.88 3.85 -28.52
C ALA A 856 -8.85 3.16 -29.40
N THR A 857 -9.22 2.03 -29.99
CA THR A 857 -8.28 1.19 -30.71
C THR A 857 -8.16 1.62 -32.18
N THR A 858 -9.17 2.35 -32.63
CA THR A 858 -9.18 2.92 -33.96
C THR A 858 -8.62 4.34 -33.88
N ILE A 859 -9.21 5.13 -32.99
CA ILE A 859 -8.88 6.56 -32.85
C ILE A 859 -7.40 6.79 -32.53
N ILE A 860 -6.85 5.91 -31.71
CA ILE A 860 -5.46 6.00 -31.33
C ILE A 860 -4.67 5.06 -32.19
N LYS A 861 -3.68 5.55 -32.90
CA LYS A 861 -2.86 4.62 -33.63
C LYS A 861 -1.67 4.16 -32.80
N ASP A 862 -1.33 2.90 -32.94
CA ASP A 862 -0.17 2.33 -32.26
C ASP A 862 1.09 3.13 -32.60
N GLY A 863 1.93 3.34 -31.60
CA GLY A 863 3.22 3.93 -31.80
C GLY A 863 3.24 5.39 -31.43
N GLN A 864 2.09 6.04 -31.61
CA GLN A 864 1.97 7.46 -31.30
C GLN A 864 2.39 7.77 -29.86
N GLN A 865 3.10 8.88 -29.66
CA GLN A 865 3.29 9.35 -28.30
C GLN A 865 1.92 9.89 -27.89
N ILE A 866 1.62 9.75 -26.60
CA ILE A 866 0.27 9.95 -26.09
C ILE A 866 0.34 10.39 -24.64
N ARG A 867 -0.57 11.26 -24.21
CA ARG A 867 -0.51 11.73 -22.82
C ARG A 867 -1.84 11.54 -22.09
N ILE A 868 -1.87 10.70 -21.05
CA ILE A 868 -3.14 10.44 -20.39
C ILE A 868 -3.25 11.04 -18.99
N ASN A 869 -4.40 11.60 -18.71
CA ASN A 869 -4.66 12.15 -17.41
C ASN A 869 -5.73 11.33 -16.70
N GLY A 870 -5.36 10.76 -15.55
CA GLY A 870 -6.21 9.80 -14.87
C GLY A 870 -6.94 10.43 -13.71
N THR A 871 -6.80 11.73 -13.59
CA THR A 871 -7.48 12.47 -12.53
C THR A 871 -8.54 13.47 -12.95
N GLU A 872 -8.33 14.00 -14.16
CA GLU A 872 -9.25 14.47 -15.17
C GLU A 872 -9.52 13.27 -16.06
N GLY A 873 -10.57 13.28 -16.87
CA GLY A 873 -10.74 12.13 -17.74
C GLY A 873 -10.29 12.86 -19.00
N TYR A 874 -9.09 12.58 -19.50
CA TYR A 874 -8.74 12.87 -20.89
C TYR A 874 -7.47 12.21 -21.43
N ILE A 875 -7.43 12.11 -22.75
CA ILE A 875 -6.27 11.59 -23.46
C ILE A 875 -5.99 12.56 -24.60
N GLU A 876 -4.72 12.72 -24.93
CA GLU A 876 -4.28 13.67 -25.91
C GLU A 876 -3.32 13.04 -26.87
N ILE A 877 -3.53 13.28 -28.16
CA ILE A 877 -2.57 12.84 -29.16
C ILE A 877 -1.58 13.95 -29.53
N LEU A 878 -0.34 13.78 -29.07
CA LEU A 878 0.66 14.81 -29.28
C LEU A 878 1.68 14.32 -30.28
N ASP A 879 2.39 15.26 -30.91
CA ASP A 879 3.41 14.94 -31.90
C ASP A 879 4.46 13.96 -31.36
#